data_7SF4
#
_entry.id   7SF4
#
_cell.length_a   68.980
_cell.length_b   71.131
_cell.length_c   144.557
_cell.angle_alpha   90.000
_cell.angle_beta   90.000
_cell.angle_gamma   90.000
#
_symmetry.space_group_name_H-M   'P 21 21 21'
#
loop_
_entity.id
_entity.type
_entity.pdbx_description
1 polymer 'Histidine N-alpha-methyltransferase'
2 non-polymer 2-AMINO-4-PYRIDYL-PYRIMIDINE
3 non-polymer GLYCEROL
4 non-polymer 1,2-ETHANEDIOL
5 water water
#
_entity_poly.entity_id   1
_entity_poly.type   'polypeptide(L)'
_entity_poly.pdbx_seq_one_letter_code
;GPVSVANHLGEDAGHLALRRDVYSGLQKTPKSLPPKWFYDTVGSELFDQITRLPEYYPTRAEAEILRARSAEVASACRAD
TLVELGSGTSEKTRMLLDALRHRGSLRRFVPFDVDASVLSATATAIQREYSGVEINAVCGDFEEHLTEIPRGGRRLFVFL
GSTIGNLTPGPRAQFLTALAGVMRPGDSLLLGTDLVKDAARLVRAYDDPGGVTAQFNRNVLAVINRELEADFDVDAFQHV
ARWNSAEERIEMWLRADGRQRVRVGALDLTVDFDAGEEMLTEVSCKFRPQAVGAELAAAGLHRIRWWTDEAGDFGLSLAA
K
;
_entity_poly.pdbx_strand_id   A,B
#
loop_
_chem_comp.id
_chem_comp.type
_chem_comp.name
_chem_comp.formula
EDO non-polymer 1,2-ETHANEDIOL 'C2 H6 O2'
GOL non-polymer GLYCEROL 'C3 H8 O3'
XDK non-polymer 2-AMINO-4-PYRIDYL-PYRIMIDINE 'C9 H8 N4'
#
# COMPACT_ATOMS: atom_id res chain seq x y z
N GLY A 1 -16.61 17.59 -38.95
CA GLY A 1 -16.07 18.51 -37.97
C GLY A 1 -14.57 18.73 -38.09
N PRO A 2 -14.09 19.84 -37.56
CA PRO A 2 -12.67 20.16 -37.69
C PRO A 2 -11.81 19.33 -36.74
N VAL A 3 -10.66 18.90 -37.24
CA VAL A 3 -9.70 18.13 -36.45
C VAL A 3 -8.63 19.08 -35.95
N SER A 4 -8.22 18.89 -34.70
CA SER A 4 -7.09 19.59 -34.12
C SER A 4 -6.23 18.60 -33.36
N VAL A 5 -4.91 18.80 -33.43
CA VAL A 5 -3.94 18.04 -32.66
C VAL A 5 -2.98 19.03 -32.02
N ALA A 6 -2.92 19.03 -30.69
CA ALA A 6 -2.00 19.87 -29.95
C ALA A 6 -0.95 18.96 -29.33
N ASN A 7 0.32 19.25 -29.62
CA ASN A 7 1.43 18.39 -29.23
C ASN A 7 2.23 19.08 -28.14
N HIS A 8 2.29 18.46 -26.97
CA HIS A 8 3.02 19.00 -25.83
C HIS A 8 4.27 18.20 -25.50
N LEU A 9 4.58 17.15 -26.26
CA LEU A 9 5.77 16.34 -26.03
C LEU A 9 6.82 16.68 -27.08
N GLY A 10 8.04 16.96 -26.62
CA GLY A 10 9.14 17.18 -27.53
C GLY A 10 9.48 15.95 -28.34
N GLU A 11 10.25 16.18 -29.40
CA GLU A 11 10.56 15.10 -30.34
C GLU A 11 11.27 13.94 -29.65
N ASP A 12 12.09 14.24 -28.64
CA ASP A 12 12.87 13.21 -27.95
C ASP A 12 12.31 12.90 -26.56
N ALA A 13 11.03 13.21 -26.32
CA ALA A 13 10.40 12.87 -25.05
C ALA A 13 10.42 11.36 -24.82
N GLY A 14 10.01 10.59 -25.82
CA GLY A 14 10.00 9.14 -25.68
C GLY A 14 11.37 8.56 -25.42
N HIS A 15 12.35 8.95 -26.25
CA HIS A 15 13.71 8.43 -26.08
C HIS A 15 14.28 8.82 -24.72
N LEU A 16 14.10 10.08 -24.32
CA LEU A 16 14.63 10.52 -23.03
C LEU A 16 13.92 9.84 -21.87
N ALA A 17 12.62 9.53 -22.02
CA ALA A 17 11.94 8.76 -20.99
C ALA A 17 12.47 7.32 -20.93
N LEU A 18 12.85 6.76 -22.09
CA LEU A 18 13.35 5.39 -22.12
C LEU A 18 14.72 5.28 -21.46
N ARG A 19 15.60 6.24 -21.73
CA ARG A 19 16.91 6.25 -21.07
C ARG A 19 16.75 6.31 -19.56
N ARG A 20 15.88 7.20 -19.07
CA ARG A 20 15.67 7.35 -17.63
C ARG A 20 15.21 6.03 -17.01
N ASP A 21 14.12 5.45 -17.54
CA ASP A 21 13.53 4.27 -16.93
C ASP A 21 14.50 3.08 -16.96
N VAL A 22 15.22 2.91 -18.07
CA VAL A 22 16.14 1.80 -18.19
C VAL A 22 17.34 2.00 -17.26
N TYR A 23 17.89 3.21 -17.23
CA TYR A 23 19.02 3.50 -16.35
C TYR A 23 18.65 3.24 -14.90
N SER A 24 17.53 3.80 -14.45
CA SER A 24 17.10 3.61 -13.07
C SER A 24 16.62 2.18 -12.83
N GLY A 25 15.84 1.63 -13.76
CA GLY A 25 15.19 0.35 -13.51
C GLY A 25 16.15 -0.81 -13.41
N LEU A 26 17.18 -0.84 -14.25
CA LEU A 26 18.14 -1.95 -14.23
C LEU A 26 19.13 -1.85 -13.09
N GLN A 27 19.05 -0.83 -12.25
CA GLN A 27 19.91 -0.72 -11.08
C GLN A 27 19.14 -0.90 -9.79
N LYS A 28 17.83 -1.17 -9.87
CA LYS A 28 17.04 -1.48 -8.69
C LYS A 28 17.19 -2.95 -8.31
N THR A 29 16.83 -3.25 -7.07
CA THR A 29 16.81 -4.63 -6.58
C THR A 29 15.43 -4.88 -5.99
N PRO A 30 14.56 -5.66 -6.67
CA PRO A 30 14.87 -6.31 -7.94
C PRO A 30 14.81 -5.35 -9.13
N LYS A 31 15.43 -5.74 -10.24
CA LYS A 31 15.37 -4.92 -11.45
C LYS A 31 13.93 -4.85 -11.94
N SER A 32 13.52 -3.65 -12.37
CA SER A 32 12.14 -3.44 -12.78
C SER A 32 12.08 -2.43 -13.92
N LEU A 33 11.01 -2.52 -14.71
CA LEU A 33 10.78 -1.63 -15.82
C LEU A 33 9.31 -1.25 -15.89
N PRO A 34 9.00 0.00 -16.28
CA PRO A 34 7.60 0.37 -16.43
C PRO A 34 6.97 -0.37 -17.60
N PRO A 35 5.68 -0.71 -17.51
CA PRO A 35 5.02 -1.40 -18.60
C PRO A 35 4.76 -0.50 -19.81
N LYS A 36 5.36 0.68 -19.76
CA LYS A 36 5.21 1.74 -20.75
C LYS A 36 5.87 1.42 -22.09
N TRP A 37 6.86 0.52 -22.12
CA TRP A 37 7.69 0.34 -23.30
C TRP A 37 7.36 -0.91 -24.12
N PHE A 38 6.37 -1.70 -23.73
CA PHE A 38 5.98 -2.86 -24.52
C PHE A 38 5.49 -2.51 -25.91
N TYR A 39 5.13 -1.24 -26.14
CA TYR A 39 4.22 -0.93 -27.24
C TYR A 39 4.89 -0.18 -28.40
N ASP A 40 5.92 -0.77 -28.98
CA ASP A 40 6.36 -0.35 -30.30
C ASP A 40 5.41 -0.98 -31.32
N THR A 41 5.78 -0.95 -32.60
CA THR A 41 4.89 -1.50 -33.62
C THR A 41 4.63 -2.98 -33.39
N VAL A 42 5.70 -3.75 -33.13
CA VAL A 42 5.56 -5.18 -32.93
C VAL A 42 4.72 -5.48 -31.70
N GLY A 43 5.08 -4.90 -30.55
CA GLY A 43 4.35 -5.16 -29.33
C GLY A 43 2.89 -4.79 -29.42
N SER A 44 2.58 -3.68 -30.09
CA SER A 44 1.19 -3.27 -30.25
C SER A 44 0.40 -4.29 -31.05
N GLU A 45 1.02 -4.84 -32.11
CA GLU A 45 0.38 -5.92 -32.86
C GLU A 45 0.25 -7.18 -32.02
N LEU A 46 1.19 -7.42 -31.10
CA LEU A 46 1.09 -8.56 -30.20
C LEU A 46 -0.03 -8.35 -29.19
N PHE A 47 -0.15 -7.14 -28.64
CA PHE A 47 -1.25 -6.85 -27.73
C PHE A 47 -2.60 -7.06 -28.41
N ASP A 48 -2.71 -6.64 -29.67
CA ASP A 48 -3.95 -6.88 -30.41
C ASP A 48 -4.30 -8.35 -30.45
N GLN A 49 -3.29 -9.21 -30.65
CA GLN A 49 -3.54 -10.65 -30.64
C GLN A 49 -3.95 -11.11 -29.24
N ILE A 50 -3.36 -10.53 -28.21
CA ILE A 50 -3.69 -10.92 -26.83
C ILE A 50 -5.17 -10.71 -26.56
N THR A 51 -5.73 -9.59 -27.02
CA THR A 51 -7.12 -9.26 -26.72
C THR A 51 -8.08 -10.32 -27.27
N ARG A 52 -7.68 -11.03 -28.32
CA ARG A 52 -8.52 -12.07 -28.91
C ARG A 52 -8.24 -13.45 -28.34
N LEU A 53 -7.27 -13.59 -27.43
CA LEU A 53 -7.01 -14.89 -26.82
C LEU A 53 -8.18 -15.28 -25.94
N PRO A 54 -8.61 -16.55 -25.98
CA PRO A 54 -9.68 -16.98 -25.07
C PRO A 54 -9.29 -16.84 -23.61
N GLU A 55 -8.00 -16.96 -23.28
CA GLU A 55 -7.56 -16.80 -21.90
C GLU A 55 -7.69 -15.38 -21.42
N TYR A 56 -7.52 -14.39 -22.30
CA TYR A 56 -7.55 -12.99 -21.90
C TYR A 56 -8.99 -12.50 -21.96
N TYR A 57 -9.73 -12.74 -20.88
CA TYR A 57 -11.13 -12.35 -20.70
C TYR A 57 -11.40 -10.85 -20.60
N PRO A 58 -10.49 -10.00 -20.08
CA PRO A 58 -10.88 -8.61 -19.81
C PRO A 58 -11.43 -7.85 -21.01
N THR A 59 -10.82 -8.00 -22.19
CA THR A 59 -11.27 -7.24 -23.34
C THR A 59 -12.72 -7.57 -23.68
N ARG A 60 -13.05 -8.85 -23.83
CA ARG A 60 -14.42 -9.25 -24.13
C ARG A 60 -15.36 -8.93 -22.97
N ALA A 61 -14.90 -9.12 -21.74
CA ALA A 61 -15.76 -8.89 -20.57
C ALA A 61 -16.15 -7.42 -20.47
N GLU A 62 -15.17 -6.52 -20.56
CA GLU A 62 -15.46 -5.09 -20.57
C GLU A 62 -16.35 -4.72 -21.75
N ALA A 63 -16.07 -5.29 -22.93
CA ALA A 63 -16.90 -5.02 -24.11
C ALA A 63 -18.33 -5.46 -23.88
N GLU A 64 -18.53 -6.60 -23.20
CA GLU A 64 -19.88 -7.07 -22.91
C GLU A 64 -20.64 -6.05 -22.06
N ILE A 65 -20.00 -5.53 -21.02
CA ILE A 65 -20.64 -4.52 -20.19
C ILE A 65 -20.98 -3.28 -21.03
N LEU A 66 -20.03 -2.86 -21.85
CA LEU A 66 -20.22 -1.65 -22.64
C LEU A 66 -21.35 -1.80 -23.65
N ARG A 67 -21.48 -2.99 -24.27
CA ARG A 67 -22.58 -3.22 -25.21
C ARG A 67 -23.93 -3.11 -24.53
N ALA A 68 -24.01 -3.45 -23.25
CA ALA A 68 -25.26 -3.39 -22.51
C ALA A 68 -25.51 -2.04 -21.87
N ARG A 69 -24.46 -1.37 -21.37
CA ARG A 69 -24.64 -0.21 -20.50
C ARG A 69 -24.24 1.12 -21.12
N SER A 70 -23.85 1.14 -22.41
CA SER A 70 -23.36 2.38 -23.00
C SER A 70 -24.45 3.45 -23.06
N ALA A 71 -25.68 3.04 -23.36
CA ALA A 71 -26.79 4.00 -23.39
C ALA A 71 -27.01 4.61 -22.02
N GLU A 72 -26.93 3.80 -20.96
CA GLU A 72 -27.12 4.34 -19.61
C GLU A 72 -25.98 5.25 -19.22
N VAL A 73 -24.75 4.93 -19.65
CA VAL A 73 -23.63 5.84 -19.43
C VAL A 73 -23.94 7.20 -20.04
N ALA A 74 -24.39 7.22 -21.30
CA ALA A 74 -24.67 8.47 -21.98
C ALA A 74 -25.75 9.28 -21.26
N SER A 75 -26.84 8.62 -20.85
CA SER A 75 -27.96 9.36 -20.24
C SER A 75 -27.68 9.75 -18.80
N ALA A 76 -26.88 8.95 -18.07
CA ALA A 76 -26.58 9.29 -16.68
C ALA A 76 -25.55 10.42 -16.59
N CYS A 77 -24.56 10.43 -17.49
CA CYS A 77 -23.53 11.47 -17.45
C CYS A 77 -23.93 12.71 -18.23
N ARG A 78 -24.83 12.59 -19.21
CA ARG A 78 -25.34 13.72 -19.99
C ARG A 78 -24.23 14.50 -20.70
N ALA A 79 -23.11 13.83 -20.97
CA ALA A 79 -21.95 14.53 -21.52
C ALA A 79 -22.17 14.87 -22.99
N ASP A 80 -21.53 15.96 -23.43
CA ASP A 80 -21.43 16.26 -24.85
C ASP A 80 -20.03 16.07 -25.38
N THR A 81 -19.07 15.77 -24.51
CA THR A 81 -17.66 15.66 -24.89
C THR A 81 -17.08 14.39 -24.34
N LEU A 82 -16.47 13.59 -25.21
CA LEU A 82 -15.84 12.33 -24.83
C LEU A 82 -14.33 12.53 -24.81
N VAL A 83 -13.74 12.48 -23.62
CA VAL A 83 -12.29 12.54 -23.43
C VAL A 83 -11.80 11.12 -23.18
N GLU A 84 -10.99 10.60 -24.10
CA GLU A 84 -10.44 9.26 -23.97
C GLU A 84 -8.98 9.35 -23.53
N LEU A 85 -8.68 8.74 -22.38
CA LEU A 85 -7.30 8.54 -21.96
C LEU A 85 -6.79 7.27 -22.65
N GLY A 86 -6.46 7.43 -23.93
CA GLY A 86 -6.15 6.30 -24.78
C GLY A 86 -6.08 6.74 -26.22
N SER A 87 -5.87 5.76 -27.10
CA SER A 87 -5.59 6.04 -28.51
C SER A 87 -6.84 6.30 -29.34
N GLY A 88 -8.04 5.99 -28.83
CA GLY A 88 -9.25 6.19 -29.60
C GLY A 88 -9.42 5.22 -30.75
N THR A 89 -8.78 4.05 -30.66
CA THR A 89 -8.78 3.06 -31.74
C THR A 89 -9.73 1.90 -31.51
N SER A 90 -10.18 1.67 -30.29
CA SER A 90 -10.96 0.49 -29.99
C SER A 90 -12.39 0.63 -30.51
N GLU A 91 -13.06 -0.52 -30.68
CA GLU A 91 -14.49 -0.49 -30.93
C GLU A 91 -15.24 0.00 -29.70
N LYS A 92 -14.65 -0.13 -28.51
CA LYS A 92 -15.25 0.43 -27.31
C LYS A 92 -15.34 1.94 -27.40
N THR A 93 -14.36 2.58 -28.03
CA THR A 93 -14.44 4.01 -28.29
C THR A 93 -15.69 4.36 -29.07
N ARG A 94 -15.97 3.61 -30.13
CA ARG A 94 -17.13 3.90 -30.97
C ARG A 94 -18.44 3.64 -30.23
N MET A 95 -18.48 2.60 -29.39
CA MET A 95 -19.69 2.30 -28.64
C MET A 95 -20.15 3.49 -27.81
N LEU A 96 -19.21 4.17 -27.14
CA LEU A 96 -19.56 5.33 -26.35
C LEU A 96 -19.83 6.55 -27.22
N LEU A 97 -19.06 6.72 -28.31
CA LEU A 97 -19.35 7.80 -29.24
C LEU A 97 -20.73 7.64 -29.87
N ASP A 98 -21.11 6.40 -30.18
CA ASP A 98 -22.44 6.15 -30.73
C ASP A 98 -23.52 6.47 -29.70
N ALA A 99 -23.29 6.10 -28.44
CA ALA A 99 -24.30 6.31 -27.40
C ALA A 99 -24.57 7.79 -27.17
N LEU A 100 -23.51 8.61 -27.18
CA LEU A 100 -23.70 10.06 -27.04
C LEU A 100 -24.34 10.65 -28.28
N ARG A 101 -23.95 10.17 -29.46
CA ARG A 101 -24.55 10.64 -30.71
C ARG A 101 -26.02 10.26 -30.79
N HIS A 102 -26.37 9.06 -30.32
CA HIS A 102 -27.76 8.61 -30.34
C HIS A 102 -28.66 9.54 -29.54
N ARG A 103 -28.14 10.12 -28.45
CA ARG A 103 -28.86 11.12 -27.68
C ARG A 103 -28.84 12.50 -28.34
N GLY A 104 -28.23 12.62 -29.52
CA GLY A 104 -28.05 13.94 -30.10
C GLY A 104 -27.13 14.82 -29.30
N SER A 105 -26.18 14.22 -28.58
CA SER A 105 -25.34 14.96 -27.64
C SER A 105 -23.86 14.95 -28.00
N LEU A 106 -23.44 14.19 -29.01
CA LEU A 106 -22.02 14.05 -29.33
C LEU A 106 -21.51 15.30 -30.04
N ARG A 107 -20.76 16.12 -29.32
CA ARG A 107 -20.34 17.42 -29.85
C ARG A 107 -18.83 17.57 -29.96
N ARG A 108 -18.05 16.85 -29.16
CA ARG A 108 -16.59 16.95 -29.22
C ARG A 108 -15.97 15.63 -28.78
N PHE A 109 -14.84 15.30 -29.39
CA PHE A 109 -14.04 14.13 -29.03
C PHE A 109 -12.61 14.55 -28.75
N VAL A 110 -12.08 14.13 -27.59
CA VAL A 110 -10.74 14.50 -27.16
C VAL A 110 -9.92 13.25 -26.87
N PRO A 111 -9.23 12.67 -27.85
CA PRO A 111 -8.26 11.60 -27.55
C PRO A 111 -6.98 12.17 -26.97
N PHE A 112 -6.45 11.45 -25.98
CA PHE A 112 -5.30 11.89 -25.18
C PHE A 112 -4.32 10.73 -25.08
N ASP A 113 -3.15 10.88 -25.70
CA ASP A 113 -2.14 9.82 -25.68
C ASP A 113 -0.77 10.45 -25.92
N VAL A 114 0.26 9.60 -25.89
CA VAL A 114 1.64 10.06 -26.02
C VAL A 114 2.19 9.94 -27.44
N ASP A 115 1.50 9.24 -28.33
CA ASP A 115 1.97 9.01 -29.70
C ASP A 115 1.18 9.92 -30.62
N ALA A 116 1.82 11.02 -31.05
CA ALA A 116 1.15 12.00 -31.90
C ALA A 116 0.69 11.39 -33.23
N SER A 117 1.43 10.41 -33.75
CA SER A 117 1.02 9.79 -35.01
C SER A 117 -0.20 8.91 -34.82
N VAL A 118 -0.35 8.32 -33.62
CA VAL A 118 -1.55 7.54 -33.32
C VAL A 118 -2.77 8.44 -33.21
N LEU A 119 -2.64 9.58 -32.53
CA LEU A 119 -3.77 10.48 -32.36
C LEU A 119 -4.21 11.06 -33.70
N SER A 120 -3.25 11.45 -34.54
CA SER A 120 -3.59 11.98 -35.85
C SER A 120 -4.39 10.98 -36.69
N ALA A 121 -4.03 9.69 -36.61
CA ALA A 121 -4.78 8.68 -37.35
C ALA A 121 -6.15 8.47 -36.74
N THR A 122 -6.25 8.47 -35.41
CA THR A 122 -7.56 8.36 -34.77
C THR A 122 -8.46 9.53 -35.14
N ALA A 123 -7.90 10.74 -35.17
CA ALA A 123 -8.70 11.93 -35.44
C ALA A 123 -9.22 11.91 -36.87
N THR A 124 -8.37 11.54 -37.83
CA THR A 124 -8.84 11.42 -39.21
C THR A 124 -9.95 10.38 -39.30
N ALA A 125 -9.84 9.30 -38.53
CA ALA A 125 -10.82 8.21 -38.58
C ALA A 125 -12.13 8.62 -37.93
N ILE A 126 -12.05 9.32 -36.83
CA ILE A 126 -13.35 9.69 -36.19
C ILE A 126 -14.01 10.77 -37.05
N GLN A 127 -13.21 11.57 -37.73
CA GLN A 127 -13.73 12.70 -38.54
C GLN A 127 -14.55 12.19 -39.73
N ARG A 128 -14.16 11.07 -40.31
CA ARG A 128 -14.95 10.55 -41.45
C ARG A 128 -16.16 9.77 -40.95
N GLU A 129 -16.11 9.26 -39.73
CA GLU A 129 -17.20 8.39 -39.23
C GLU A 129 -18.25 9.19 -38.46
N TYR A 130 -17.93 10.37 -37.98
CA TYR A 130 -18.86 11.13 -37.14
C TYR A 130 -18.85 12.57 -37.68
N SER A 131 -19.77 12.82 -38.60
CA SER A 131 -19.98 14.19 -39.06
C SER A 131 -20.47 15.02 -37.88
N GLY A 132 -20.02 16.27 -37.82
CA GLY A 132 -20.50 17.19 -36.81
C GLY A 132 -19.81 17.14 -35.46
N VAL A 133 -18.76 16.33 -35.30
CA VAL A 133 -18.02 16.28 -34.04
C VAL A 133 -16.67 16.93 -34.25
N GLU A 134 -16.32 17.87 -33.36
CA GLU A 134 -14.98 18.43 -33.33
C GLU A 134 -14.05 17.48 -32.57
N ILE A 135 -12.91 17.15 -33.17
CA ILE A 135 -11.94 16.27 -32.57
C ILE A 135 -10.71 17.08 -32.18
N ASN A 136 -10.47 17.20 -30.87
CA ASN A 136 -9.33 17.92 -30.32
C ASN A 136 -8.39 16.91 -29.68
N ALA A 137 -7.48 16.35 -30.48
CA ALA A 137 -6.49 15.42 -29.96
C ALA A 137 -5.42 16.17 -29.17
N VAL A 138 -4.99 15.59 -28.06
CA VAL A 138 -3.99 16.18 -27.19
C VAL A 138 -2.86 15.18 -27.00
N CYS A 139 -1.67 15.54 -27.46
CA CYS A 139 -0.47 14.73 -27.23
C CYS A 139 0.20 15.20 -25.95
N GLY A 140 0.14 14.35 -24.92
CA GLY A 140 0.76 14.65 -23.65
C GLY A 140 0.82 13.40 -22.81
N ASP A 141 1.31 13.56 -21.59
CA ASP A 141 1.37 12.46 -20.63
C ASP A 141 0.56 12.80 -19.39
N PHE A 142 0.27 11.78 -18.60
CA PHE A 142 -0.56 11.98 -17.40
C PHE A 142 0.13 12.88 -16.39
N GLU A 143 1.46 12.80 -16.31
CA GLU A 143 2.21 13.47 -15.25
C GLU A 143 2.15 14.99 -15.38
N GLU A 144 2.00 15.53 -16.60
CA GLU A 144 2.14 16.96 -16.79
C GLU A 144 1.00 17.62 -17.56
N HIS A 145 0.25 16.89 -18.38
CA HIS A 145 -0.55 17.54 -19.41
C HIS A 145 -2.04 17.29 -19.31
N LEU A 146 -2.51 16.77 -18.17
CA LEU A 146 -3.95 16.66 -17.99
C LEU A 146 -4.64 18.02 -18.06
N THR A 147 -3.94 19.08 -17.66
CA THR A 147 -4.51 20.43 -17.73
C THR A 147 -4.68 20.90 -19.18
N GLU A 148 -3.87 20.37 -20.09
CA GLU A 148 -3.97 20.77 -21.49
C GLU A 148 -5.20 20.18 -22.17
N ILE A 149 -5.91 19.27 -21.51
CA ILE A 149 -7.18 18.77 -22.04
C ILE A 149 -8.17 19.94 -22.11
N PRO A 150 -8.83 20.18 -23.24
CA PRO A 150 -9.70 21.36 -23.35
C PRO A 150 -10.83 21.32 -22.33
N ARG A 151 -11.29 22.50 -21.94
CA ARG A 151 -12.35 22.65 -20.96
C ARG A 151 -13.64 23.06 -21.66
N GLY A 152 -14.67 23.30 -20.85
CA GLY A 152 -15.98 23.62 -21.38
C GLY A 152 -16.78 22.39 -21.77
N GLY A 153 -18.09 22.58 -21.83
CA GLY A 153 -19.00 21.48 -22.05
C GLY A 153 -19.06 20.53 -20.86
N ARG A 154 -19.85 19.48 -21.03
CA ARG A 154 -19.96 18.41 -20.04
C ARG A 154 -19.12 17.23 -20.52
N ARG A 155 -18.08 16.90 -19.78
CA ARG A 155 -17.05 15.99 -20.25
C ARG A 155 -17.11 14.66 -19.52
N LEU A 156 -17.06 13.57 -20.29
CA LEU A 156 -16.98 12.21 -19.75
C LEU A 156 -15.56 11.71 -20.02
N PHE A 157 -14.78 11.58 -18.97
CA PHE A 157 -13.44 11.03 -19.09
C PHE A 157 -13.49 9.51 -19.05
N VAL A 158 -12.74 8.87 -19.94
CA VAL A 158 -12.83 7.43 -20.15
C VAL A 158 -11.44 6.82 -19.98
N PHE A 159 -11.36 5.76 -19.17
CA PHE A 159 -10.09 5.09 -18.87
C PHE A 159 -10.41 3.60 -18.67
N LEU A 160 -10.32 2.84 -19.75
CA LEU A 160 -10.84 1.49 -19.80
C LEU A 160 -9.72 0.45 -19.70
N GLY A 161 -10.11 -0.82 -19.77
CA GLY A 161 -9.19 -1.94 -19.90
C GLY A 161 -8.42 -2.31 -18.65
N SER A 162 -8.79 -1.79 -17.48
CA SER A 162 -8.06 -2.02 -16.23
C SER A 162 -6.61 -1.56 -16.38
N THR A 163 -6.44 -0.44 -17.06
CA THR A 163 -5.11 0.12 -17.28
C THR A 163 -4.60 0.86 -16.04
N ILE A 164 -5.52 1.47 -15.29
CA ILE A 164 -5.20 1.98 -13.96
C ILE A 164 -4.60 0.88 -13.09
N GLY A 165 -4.92 -0.39 -13.40
CA GLY A 165 -4.32 -1.50 -12.68
C GLY A 165 -2.82 -1.62 -12.85
N ASN A 166 -2.26 -1.01 -13.90
CA ASN A 166 -0.82 -1.01 -14.11
C ASN A 166 -0.09 -0.03 -13.20
N LEU A 167 -0.82 0.73 -12.39
CA LEU A 167 -0.23 1.62 -11.40
C LEU A 167 -0.37 1.01 -10.01
N THR A 168 0.73 1.00 -9.25
CA THR A 168 0.68 0.57 -7.87
C THR A 168 -0.13 1.57 -7.04
N PRO A 169 -0.60 1.18 -5.84
CA PRO A 169 -1.52 2.05 -5.09
C PRO A 169 -1.08 3.50 -4.95
N GLY A 170 0.20 3.75 -4.66
CA GLY A 170 0.70 5.09 -4.51
C GLY A 170 0.55 5.94 -5.76
N PRO A 171 1.23 5.53 -6.84
CA PRO A 171 1.06 6.23 -8.12
C PRO A 171 -0.37 6.24 -8.62
N ARG A 172 -1.17 5.21 -8.32
CA ARG A 172 -2.55 5.16 -8.79
C ARG A 172 -3.39 6.25 -8.14
N ALA A 173 -3.23 6.48 -6.84
CA ALA A 173 -4.00 7.50 -6.15
C ALA A 173 -3.58 8.91 -6.60
N GLN A 174 -2.29 9.12 -6.84
CA GLN A 174 -1.84 10.41 -7.35
C GLN A 174 -2.50 10.73 -8.68
N PHE A 175 -2.58 9.73 -9.57
CA PHE A 175 -3.19 9.94 -10.88
C PHE A 175 -4.66 10.31 -10.74
N LEU A 176 -5.40 9.58 -9.89
CA LEU A 176 -6.81 9.88 -9.70
C LEU A 176 -7.03 11.25 -9.09
N THR A 177 -6.18 11.63 -8.12
CA THR A 177 -6.27 12.96 -7.54
C THR A 177 -6.01 14.03 -8.59
N ALA A 178 -5.01 13.83 -9.43
CA ALA A 178 -4.71 14.79 -10.49
C ALA A 178 -5.83 14.83 -11.53
N LEU A 179 -6.39 13.65 -11.87
CA LEU A 179 -7.47 13.62 -12.84
C LEU A 179 -8.71 14.31 -12.30
N ALA A 180 -9.05 14.06 -11.03
CA ALA A 180 -10.17 14.78 -10.42
C ALA A 180 -9.91 16.27 -10.36
N GLY A 181 -8.63 16.68 -10.28
CA GLY A 181 -8.30 18.09 -10.21
C GLY A 181 -8.61 18.86 -11.48
N VAL A 182 -8.48 18.21 -12.64
CA VAL A 182 -8.83 18.88 -13.90
C VAL A 182 -10.29 18.68 -14.28
N MET A 183 -11.05 17.93 -13.50
CA MET A 183 -12.46 17.72 -13.79
C MET A 183 -13.29 18.86 -13.20
N ARG A 184 -14.30 19.25 -13.91
CA ARG A 184 -15.24 20.29 -13.51
C ARG A 184 -16.50 19.67 -12.91
N PRO A 185 -17.14 20.32 -11.94
CA PRO A 185 -18.41 19.79 -11.43
C PRO A 185 -19.37 19.49 -12.56
N GLY A 186 -19.94 18.28 -12.53
CA GLY A 186 -20.75 17.76 -13.61
C GLY A 186 -20.01 16.81 -14.53
N ASP A 187 -18.69 16.93 -14.62
CA ASP A 187 -17.91 15.95 -15.38
C ASP A 187 -17.95 14.59 -14.69
N SER A 188 -17.74 13.55 -15.48
CA SER A 188 -17.77 12.18 -14.97
C SER A 188 -16.57 11.41 -15.49
N LEU A 189 -16.30 10.27 -14.85
CA LEU A 189 -15.21 9.38 -15.22
C LEU A 189 -15.76 7.97 -15.35
N LEU A 190 -15.51 7.34 -16.49
CA LEU A 190 -15.82 5.92 -16.70
C LEU A 190 -14.51 5.14 -16.60
N LEU A 191 -14.43 4.25 -15.62
CA LEU A 191 -13.18 3.56 -15.30
C LEU A 191 -13.41 2.06 -15.31
N GLY A 192 -12.57 1.34 -16.05
CA GLY A 192 -12.63 -0.11 -16.10
C GLY A 192 -11.58 -0.72 -15.18
N THR A 193 -11.99 -1.77 -14.46
CA THR A 193 -11.14 -2.42 -13.46
C THR A 193 -11.38 -3.92 -13.48
N ASP A 194 -10.33 -4.69 -13.71
CA ASP A 194 -10.41 -6.13 -13.61
C ASP A 194 -10.51 -6.55 -12.15
N LEU A 195 -11.33 -7.57 -11.89
CA LEU A 195 -11.69 -7.95 -10.52
C LEU A 195 -10.90 -9.16 -10.05
N VAL A 196 -10.63 -9.19 -8.74
CA VAL A 196 -9.99 -10.35 -8.12
C VAL A 196 -10.86 -11.58 -8.34
N LYS A 197 -10.21 -12.71 -8.62
CA LYS A 197 -10.92 -13.93 -8.98
C LYS A 197 -9.99 -15.13 -8.75
N ASP A 198 -10.38 -16.28 -9.28
CA ASP A 198 -9.59 -17.50 -9.16
C ASP A 198 -8.19 -17.29 -9.70
N ALA A 199 -7.19 -17.55 -8.86
CA ALA A 199 -5.80 -17.25 -9.19
C ALA A 199 -5.34 -17.99 -10.44
N ALA A 200 -5.73 -19.25 -10.59
CA ALA A 200 -5.33 -20.01 -11.77
C ALA A 200 -5.85 -19.37 -13.05
N ARG A 201 -7.07 -18.80 -13.00
CA ARG A 201 -7.60 -18.08 -14.15
C ARG A 201 -6.77 -16.84 -14.45
N LEU A 202 -6.33 -16.12 -13.42
CA LEU A 202 -5.56 -14.90 -13.64
C LEU A 202 -4.20 -15.20 -14.23
N VAL A 203 -3.50 -16.22 -13.72
CA VAL A 203 -2.19 -16.56 -14.24
C VAL A 203 -2.29 -17.02 -15.68
N ARG A 204 -3.33 -17.80 -15.99
CA ARG A 204 -3.52 -18.25 -17.37
C ARG A 204 -3.79 -17.08 -18.31
N ALA A 205 -4.50 -16.05 -17.83
CA ALA A 205 -4.78 -14.89 -18.65
C ALA A 205 -3.51 -14.12 -19.02
N TYR A 206 -2.43 -14.27 -18.25
CA TYR A 206 -1.18 -13.57 -18.54
C TYR A 206 -0.06 -14.52 -18.94
N ASP A 207 -0.40 -15.76 -19.30
CA ASP A 207 0.55 -16.70 -19.86
C ASP A 207 -0.23 -17.71 -20.70
N ASP A 208 -0.71 -17.24 -21.86
CA ASP A 208 -1.45 -18.12 -22.76
C ASP A 208 -0.52 -19.21 -23.29
N PRO A 209 -1.05 -20.42 -23.52
CA PRO A 209 -0.19 -21.54 -23.91
C PRO A 209 0.59 -21.32 -25.20
N GLY A 210 0.04 -20.56 -26.15
CA GLY A 210 0.78 -20.27 -27.37
C GLY A 210 1.96 -19.34 -27.18
N GLY A 211 1.99 -18.62 -26.06
CA GLY A 211 3.12 -17.75 -25.76
C GLY A 211 3.06 -16.38 -26.38
N VAL A 212 1.87 -15.92 -26.79
CA VAL A 212 1.74 -14.56 -27.33
C VAL A 212 2.09 -13.54 -26.26
N THR A 213 1.56 -13.72 -25.05
CA THR A 213 1.92 -12.85 -23.94
C THR A 213 3.40 -12.98 -23.60
N ALA A 214 3.95 -14.19 -23.72
CA ALA A 214 5.38 -14.37 -23.47
C ALA A 214 6.22 -13.57 -24.46
N GLN A 215 5.89 -13.67 -25.75
CA GLN A 215 6.58 -12.86 -26.74
C GLN A 215 6.37 -11.37 -26.49
N PHE A 216 5.15 -11.00 -26.08
CA PHE A 216 4.84 -9.61 -25.77
C PHE A 216 5.73 -9.09 -24.64
N ASN A 217 5.96 -9.90 -23.61
CA ASN A 217 6.83 -9.47 -22.52
C ASN A 217 8.30 -9.43 -22.96
N ARG A 218 8.76 -10.49 -23.64
CA ARG A 218 10.12 -10.52 -24.12
C ARG A 218 10.39 -9.41 -25.13
N ASN A 219 9.34 -8.86 -25.73
CA ASN A 219 9.50 -7.80 -26.71
C ASN A 219 10.16 -6.56 -26.10
N VAL A 220 10.01 -6.37 -24.78
CA VAL A 220 10.61 -5.21 -24.15
C VAL A 220 12.12 -5.27 -24.21
N LEU A 221 12.71 -6.48 -24.22
CA LEU A 221 14.16 -6.59 -24.32
C LEU A 221 14.67 -6.23 -25.71
N ALA A 222 13.89 -6.54 -26.75
CA ALA A 222 14.26 -6.11 -28.09
C ALA A 222 14.22 -4.59 -28.22
N VAL A 223 13.21 -3.97 -27.65
CA VAL A 223 13.09 -2.51 -27.70
C VAL A 223 14.30 -1.84 -27.05
N ILE A 224 14.72 -2.35 -25.88
CA ILE A 224 15.91 -1.81 -25.24
C ILE A 224 17.14 -2.07 -26.10
N ASN A 225 17.25 -3.28 -26.65
CA ASN A 225 18.35 -3.61 -27.56
C ASN A 225 18.41 -2.60 -28.71
N ARG A 226 17.28 -2.38 -29.39
CA ARG A 226 17.28 -1.55 -30.59
C ARG A 226 17.47 -0.08 -30.26
N GLU A 227 16.83 0.41 -29.20
CA GLU A 227 16.81 1.84 -28.93
C GLU A 227 18.00 2.33 -28.13
N LEU A 228 18.62 1.46 -27.32
CA LEU A 228 19.73 1.89 -26.47
C LEU A 228 20.98 1.04 -26.68
N GLU A 229 21.06 0.31 -27.79
CA GLU A 229 22.25 -0.48 -28.15
C GLU A 229 22.61 -1.48 -27.06
N ALA A 230 21.61 -2.19 -26.57
CA ALA A 230 21.84 -3.22 -25.56
C ALA A 230 22.07 -4.57 -26.24
N ASP A 231 22.63 -5.51 -25.48
CA ASP A 231 22.92 -6.85 -25.96
C ASP A 231 22.21 -7.92 -25.14
N PHE A 232 20.95 -7.66 -24.80
CA PHE A 232 20.11 -8.68 -24.17
C PHE A 232 20.05 -9.92 -25.05
N ASP A 233 20.43 -11.07 -24.50
CA ASP A 233 20.14 -12.33 -25.15
C ASP A 233 18.66 -12.61 -24.90
N VAL A 234 17.82 -12.17 -25.84
CA VAL A 234 16.37 -12.18 -25.61
C VAL A 234 15.89 -13.61 -25.39
N ASP A 235 16.45 -14.57 -26.12
CA ASP A 235 15.99 -15.95 -26.01
C ASP A 235 16.36 -16.59 -24.67
N ALA A 236 17.33 -16.04 -23.95
CA ALA A 236 17.73 -16.58 -22.65
C ALA A 236 16.91 -16.02 -21.49
N PHE A 237 15.81 -15.33 -21.77
CA PHE A 237 14.93 -14.79 -20.74
C PHE A 237 13.54 -15.39 -20.91
N GLN A 238 13.00 -15.95 -19.83
CA GLN A 238 11.71 -16.63 -19.86
C GLN A 238 10.62 -15.76 -19.26
N HIS A 239 9.49 -15.70 -19.94
CA HIS A 239 8.33 -15.00 -19.40
C HIS A 239 7.71 -15.81 -18.27
N VAL A 240 7.45 -15.15 -17.14
CA VAL A 240 6.85 -15.79 -15.98
C VAL A 240 5.72 -14.90 -15.48
N ALA A 241 4.53 -15.48 -15.35
CA ALA A 241 3.36 -14.79 -14.82
C ALA A 241 3.15 -15.22 -13.37
N ARG A 242 3.13 -14.26 -12.46
CA ARG A 242 3.01 -14.53 -11.04
C ARG A 242 1.79 -13.85 -10.45
N TRP A 243 1.11 -14.56 -9.55
CA TRP A 243 -0.01 -14.01 -8.79
C TRP A 243 0.52 -13.61 -7.42
N ASN A 244 0.49 -12.31 -7.14
CA ASN A 244 0.90 -11.80 -5.83
C ASN A 244 -0.33 -11.82 -4.93
N SER A 245 -0.39 -12.80 -4.03
CA SER A 245 -1.57 -12.97 -3.20
C SER A 245 -1.69 -11.84 -2.18
N ALA A 246 -0.56 -11.37 -1.65
CA ALA A 246 -0.59 -10.35 -0.61
C ALA A 246 -1.05 -9.00 -1.16
N GLU A 247 -0.55 -8.63 -2.34
CA GLU A 247 -0.96 -7.38 -2.96
C GLU A 247 -2.15 -7.53 -3.91
N GLU A 248 -2.62 -8.76 -4.12
CA GLU A 248 -3.73 -9.05 -5.04
C GLU A 248 -3.52 -8.35 -6.39
N ARG A 249 -2.48 -8.80 -7.07
CA ARG A 249 -2.09 -8.24 -8.36
C ARG A 249 -1.33 -9.30 -9.15
N ILE A 250 -1.53 -9.28 -10.47
CA ILE A 250 -0.72 -10.10 -11.35
C ILE A 250 0.59 -9.38 -11.60
N GLU A 251 1.67 -10.15 -11.71
CA GLU A 251 3.00 -9.61 -11.96
C GLU A 251 3.62 -10.34 -13.13
N MET A 252 4.13 -9.59 -14.10
CA MET A 252 4.85 -10.15 -15.23
C MET A 252 6.34 -10.02 -14.97
N TRP A 253 7.04 -11.15 -14.98
CA TRP A 253 8.48 -11.18 -14.77
C TRP A 253 9.16 -11.75 -16.01
N LEU A 254 10.45 -11.42 -16.13
CA LEU A 254 11.33 -12.06 -17.10
C LEU A 254 12.46 -12.72 -16.31
N ARG A 255 12.64 -14.01 -16.50
CA ARG A 255 13.60 -14.80 -15.72
C ARG A 255 14.81 -15.12 -16.58
N ALA A 256 16.00 -14.83 -16.05
CA ALA A 256 17.24 -15.11 -16.76
C ALA A 256 17.59 -16.59 -16.63
N ASP A 257 17.81 -17.24 -17.78
CA ASP A 257 18.25 -18.64 -17.79
C ASP A 257 19.77 -18.62 -17.77
N GLY A 258 20.33 -18.66 -16.57
CA GLY A 258 21.79 -18.63 -16.44
C GLY A 258 22.30 -17.22 -16.24
N ARG A 259 23.53 -17.08 -15.78
CA ARG A 259 24.14 -15.74 -15.58
C ARG A 259 24.13 -14.96 -16.89
N GLN A 260 23.81 -13.68 -16.83
CA GLN A 260 23.82 -12.84 -18.04
C GLN A 260 24.55 -11.55 -17.76
N ARG A 261 25.34 -11.12 -18.73
CA ARG A 261 26.03 -9.83 -18.67
C ARG A 261 25.46 -8.95 -19.77
N VAL A 262 24.73 -7.90 -19.38
CA VAL A 262 24.01 -7.06 -20.32
C VAL A 262 24.61 -5.66 -20.26
N ARG A 263 25.08 -5.19 -21.41
CA ARG A 263 25.64 -3.86 -21.56
C ARG A 263 24.65 -3.00 -22.34
N VAL A 264 24.23 -1.88 -21.76
CA VAL A 264 23.37 -0.94 -22.44
C VAL A 264 24.29 0.16 -22.97
N GLY A 265 24.60 0.09 -24.26
CA GLY A 265 25.53 1.01 -24.90
C GLY A 265 25.22 2.47 -24.63
N ALA A 266 24.08 2.95 -25.13
CA ALA A 266 23.72 4.36 -25.05
C ALA A 266 23.71 4.92 -23.64
N LEU A 267 23.90 4.09 -22.61
CA LEU A 267 23.89 4.54 -21.23
C LEU A 267 25.22 4.34 -20.52
N ASP A 268 26.20 3.67 -21.13
CA ASP A 268 27.46 3.32 -20.48
C ASP A 268 27.20 2.59 -19.16
N LEU A 269 26.32 1.59 -19.21
CA LEU A 269 25.89 0.87 -18.03
C LEU A 269 25.99 -0.63 -18.30
N THR A 270 26.65 -1.35 -17.39
CA THR A 270 26.71 -2.80 -17.43
C THR A 270 26.02 -3.35 -16.20
N VAL A 271 25.06 -4.26 -16.40
CA VAL A 271 24.32 -4.87 -15.31
C VAL A 271 24.44 -6.39 -15.42
N ASP A 272 24.28 -7.06 -14.29
CA ASP A 272 24.46 -8.49 -14.18
C ASP A 272 23.17 -9.15 -13.70
N PHE A 273 22.86 -10.30 -14.30
CA PHE A 273 21.73 -11.12 -13.88
C PHE A 273 22.28 -12.41 -13.31
N ASP A 274 21.97 -12.68 -12.04
CA ASP A 274 22.26 -14.01 -11.49
C ASP A 274 21.46 -15.06 -12.24
N ALA A 275 21.96 -16.29 -12.23
CA ALA A 275 21.21 -17.39 -12.83
C ALA A 275 19.86 -17.54 -12.11
N GLY A 276 18.78 -17.48 -12.89
CA GLY A 276 17.45 -17.52 -12.31
C GLY A 276 16.96 -16.19 -11.77
N GLU A 277 17.69 -15.11 -11.99
CA GLU A 277 17.23 -13.79 -11.55
C GLU A 277 16.03 -13.35 -12.38
N GLU A 278 15.04 -12.79 -11.69
CA GLU A 278 13.82 -12.33 -12.34
C GLU A 278 13.73 -10.82 -12.30
N MET A 279 13.26 -10.22 -13.40
CA MET A 279 13.09 -8.78 -13.52
C MET A 279 11.62 -8.47 -13.75
N LEU A 280 11.10 -7.48 -13.04
CA LEU A 280 9.68 -7.15 -13.07
C LEU A 280 9.41 -6.18 -14.21
N THR A 281 8.56 -6.59 -15.14
CA THR A 281 8.22 -5.74 -16.29
C THR A 281 6.84 -5.11 -16.19
N GLU A 282 5.95 -5.63 -15.36
CA GLU A 282 4.61 -5.09 -15.27
C GLU A 282 3.92 -5.62 -14.02
N VAL A 283 3.08 -4.78 -13.42
CA VAL A 283 2.11 -5.22 -12.43
C VAL A 283 0.72 -4.94 -12.99
N SER A 284 -0.22 -5.82 -12.65
CA SER A 284 -1.61 -5.71 -13.11
C SER A 284 -2.52 -5.93 -11.90
N CYS A 285 -2.82 -4.86 -11.18
CA CYS A 285 -3.61 -4.96 -9.96
C CYS A 285 -5.04 -5.36 -10.28
N LYS A 286 -5.58 -6.28 -9.46
CA LYS A 286 -6.96 -6.70 -9.55
C LYS A 286 -7.72 -6.11 -8.36
N PHE A 287 -8.98 -5.77 -8.60
CA PHE A 287 -9.72 -4.92 -7.68
C PHE A 287 -10.93 -5.65 -7.09
N ARG A 288 -11.41 -5.10 -5.98
CA ARG A 288 -12.66 -5.48 -5.36
C ARG A 288 -13.66 -4.35 -5.52
N PRO A 289 -14.93 -4.67 -5.79
CA PRO A 289 -15.90 -3.60 -6.11
C PRO A 289 -15.95 -2.49 -5.07
N GLN A 290 -16.00 -2.85 -3.80
CA GLN A 290 -16.04 -1.86 -2.73
C GLN A 290 -14.81 -0.96 -2.76
N ALA A 291 -13.63 -1.55 -3.02
CA ALA A 291 -12.39 -0.80 -2.95
C ALA A 291 -12.28 0.24 -4.06
N VAL A 292 -12.85 -0.03 -5.23
CA VAL A 292 -12.81 0.95 -6.31
C VAL A 292 -13.59 2.20 -5.93
N GLY A 293 -14.79 2.03 -5.35
CA GLY A 293 -15.56 3.19 -4.93
C GLY A 293 -14.85 4.01 -3.87
N ALA A 294 -14.13 3.34 -2.96
CA ALA A 294 -13.38 4.07 -1.95
C ALA A 294 -12.20 4.82 -2.55
N GLU A 295 -11.60 4.27 -3.62
CA GLU A 295 -10.49 4.97 -4.25
C GLU A 295 -10.97 6.22 -4.99
N LEU A 296 -12.10 6.11 -5.68
CA LEU A 296 -12.67 7.28 -6.35
C LEU A 296 -13.11 8.32 -5.33
N ALA A 297 -13.66 7.88 -4.20
CA ALA A 297 -14.03 8.82 -3.14
C ALA A 297 -12.79 9.49 -2.56
N ALA A 298 -11.70 8.73 -2.42
CA ALA A 298 -10.47 9.29 -1.86
C ALA A 298 -9.90 10.40 -2.74
N ALA A 299 -10.13 10.33 -4.05
CA ALA A 299 -9.64 11.34 -4.98
C ALA A 299 -10.63 12.49 -5.19
N GLY A 300 -11.85 12.38 -4.68
CA GLY A 300 -12.83 13.45 -4.80
C GLY A 300 -13.95 13.19 -5.78
N LEU A 301 -14.07 11.98 -6.31
CA LEU A 301 -15.15 11.63 -7.21
C LEU A 301 -16.14 10.71 -6.49
N HIS A 302 -17.38 10.72 -6.96
CA HIS A 302 -18.46 9.99 -6.31
C HIS A 302 -19.03 8.98 -7.31
N ARG A 303 -18.81 7.70 -7.04
CA ARG A 303 -19.32 6.66 -7.93
C ARG A 303 -20.85 6.64 -7.89
N ILE A 304 -21.46 6.73 -9.07
CA ILE A 304 -22.92 6.69 -9.19
C ILE A 304 -23.42 5.44 -9.89
N ARG A 305 -22.53 4.68 -10.52
CA ARG A 305 -22.88 3.44 -11.21
C ARG A 305 -21.72 2.47 -11.10
N TRP A 306 -22.04 1.21 -10.83
CA TRP A 306 -21.09 0.12 -10.87
C TRP A 306 -21.69 -1.03 -11.66
N TRP A 307 -20.91 -1.62 -12.55
CA TRP A 307 -21.39 -2.70 -13.40
C TRP A 307 -20.32 -3.78 -13.51
N THR A 308 -20.73 -5.04 -13.40
CA THR A 308 -19.88 -6.16 -13.76
C THR A 308 -20.47 -6.85 -14.99
N ASP A 309 -19.67 -7.71 -15.59
CA ASP A 309 -20.19 -8.58 -16.64
C ASP A 309 -21.02 -9.69 -16.00
N GLU A 310 -21.56 -10.59 -16.83
CA GLU A 310 -22.43 -11.64 -16.33
C GLU A 310 -21.72 -12.57 -15.35
N ALA A 311 -20.42 -12.79 -15.55
CA ALA A 311 -19.67 -13.71 -14.69
C ALA A 311 -19.03 -13.03 -13.50
N GLY A 312 -19.11 -11.70 -13.39
CA GLY A 312 -18.41 -11.01 -12.35
C GLY A 312 -16.90 -10.99 -12.51
N ASP A 313 -16.42 -11.04 -13.76
CA ASP A 313 -14.98 -11.02 -14.00
C ASP A 313 -14.40 -9.61 -14.02
N PHE A 314 -15.18 -8.64 -14.48
CA PHE A 314 -14.67 -7.31 -14.79
C PHE A 314 -15.68 -6.27 -14.34
N GLY A 315 -15.18 -5.11 -13.92
CA GLY A 315 -16.04 -4.06 -13.40
C GLY A 315 -15.85 -2.74 -14.11
N LEU A 316 -16.96 -2.02 -14.25
CA LEU A 316 -16.98 -0.66 -14.80
C LEU A 316 -17.58 0.28 -13.77
N SER A 317 -16.92 1.42 -13.55
CA SER A 317 -17.39 2.42 -12.61
C SER A 317 -17.67 3.72 -13.37
N LEU A 318 -18.81 4.33 -13.07
CA LEU A 318 -19.13 5.69 -13.52
C LEU A 318 -19.16 6.57 -12.28
N ALA A 319 -18.18 7.46 -12.16
CA ALA A 319 -18.09 8.36 -11.02
C ALA A 319 -18.22 9.79 -11.52
N ALA A 320 -18.81 10.64 -10.68
CA ALA A 320 -19.05 12.04 -11.04
C ALA A 320 -18.17 12.95 -10.21
N LYS A 321 -17.77 14.07 -10.81
CA LYS A 321 -17.09 15.13 -10.09
C LYS A 321 -18.10 16.00 -9.37
N GLY B 1 -3.67 8.73 45.48
CA GLY B 1 -4.89 8.82 44.68
C GLY B 1 -5.58 7.48 44.51
N PRO B 2 -6.87 7.50 44.19
CA PRO B 2 -7.61 6.25 44.05
C PRO B 2 -7.27 5.53 42.75
N VAL B 3 -7.13 4.21 42.85
CA VAL B 3 -6.86 3.34 41.71
C VAL B 3 -8.17 2.68 41.28
N SER B 4 -8.36 2.58 39.97
CA SER B 4 -9.45 1.79 39.40
C SER B 4 -8.91 0.96 38.26
N VAL B 5 -9.43 -0.26 38.11
CA VAL B 5 -9.12 -1.13 36.98
C VAL B 5 -10.44 -1.66 36.42
N ALA B 6 -10.73 -1.34 35.17
CA ALA B 6 -11.91 -1.83 34.47
C ALA B 6 -11.46 -2.80 33.40
N ASN B 7 -12.00 -4.02 33.43
CA ASN B 7 -11.57 -5.09 32.55
C ASN B 7 -12.69 -5.40 31.57
N HIS B 8 -12.42 -5.20 30.28
CA HIS B 8 -13.40 -5.42 29.23
C HIS B 8 -13.11 -6.65 28.38
N LEU B 9 -12.06 -7.39 28.69
CA LEU B 9 -11.73 -8.60 27.95
C LEU B 9 -12.10 -9.82 28.78
N GLY B 10 -12.79 -10.78 28.15
CA GLY B 10 -13.09 -12.02 28.82
C GLY B 10 -11.83 -12.76 29.22
N GLU B 11 -11.99 -13.73 30.12
CA GLU B 11 -10.83 -14.40 30.71
C GLU B 11 -9.97 -15.08 29.66
N ASP B 12 -10.61 -15.64 28.62
CA ASP B 12 -9.89 -16.34 27.56
C ASP B 12 -9.95 -15.58 26.23
N ALA B 13 -10.11 -14.26 26.29
CA ALA B 13 -10.05 -13.45 25.07
C ALA B 13 -8.72 -13.65 24.34
N GLY B 14 -7.62 -13.65 25.09
CA GLY B 14 -6.32 -13.87 24.46
C GLY B 14 -6.24 -15.20 23.75
N HIS B 15 -6.65 -16.28 24.41
CA HIS B 15 -6.56 -17.61 23.81
C HIS B 15 -7.41 -17.70 22.54
N LEU B 16 -8.64 -17.18 22.59
CA LEU B 16 -9.50 -17.22 21.41
C LEU B 16 -8.95 -16.34 20.30
N ALA B 17 -8.30 -15.23 20.66
CA ALA B 17 -7.64 -14.41 19.65
C ALA B 17 -6.45 -15.14 19.04
N LEU B 18 -5.77 -15.98 19.82
CA LEU B 18 -4.64 -16.73 19.29
C LEU B 18 -5.09 -17.80 18.31
N ARG B 19 -6.17 -18.51 18.64
CA ARG B 19 -6.72 -19.50 17.71
C ARG B 19 -7.05 -18.86 16.37
N ARG B 20 -7.76 -17.72 16.40
CA ARG B 20 -8.14 -17.04 15.17
C ARG B 20 -6.92 -16.70 14.32
N ASP B 21 -5.97 -15.95 14.91
CA ASP B 21 -4.83 -15.47 14.13
C ASP B 21 -3.99 -16.61 13.58
N VAL B 22 -3.77 -17.66 14.39
CA VAL B 22 -2.96 -18.79 13.93
C VAL B 22 -3.71 -19.58 12.87
N TYR B 23 -5.00 -19.84 13.10
CA TYR B 23 -5.79 -20.58 12.11
C TYR B 23 -5.82 -19.86 10.77
N SER B 24 -6.15 -18.57 10.78
CA SER B 24 -6.19 -17.80 9.53
C SER B 24 -4.79 -17.59 8.97
N GLY B 25 -3.83 -17.23 9.83
CA GLY B 25 -2.53 -16.83 9.35
C GLY B 25 -1.74 -17.94 8.69
N LEU B 26 -1.83 -19.16 9.23
CA LEU B 26 -1.07 -20.29 8.71
C LEU B 26 -1.64 -20.85 7.41
N GLN B 27 -2.75 -20.29 6.91
CA GLN B 27 -3.32 -20.72 5.63
C GLN B 27 -3.19 -19.65 4.55
N LYS B 28 -2.56 -18.53 4.86
CA LYS B 28 -2.29 -17.52 3.85
C LYS B 28 -1.02 -17.88 3.08
N THR B 29 -0.88 -17.27 1.91
CA THR B 29 0.32 -17.39 1.09
C THR B 29 0.81 -15.98 0.79
N PRO B 30 1.88 -15.52 1.44
CA PRO B 30 2.67 -16.31 2.39
C PRO B 30 2.02 -16.42 3.76
N LYS B 31 2.46 -17.39 4.55
CA LYS B 31 1.98 -17.50 5.92
C LYS B 31 2.39 -16.27 6.71
N SER B 32 1.48 -15.78 7.54
CA SER B 32 1.74 -14.57 8.31
C SER B 32 1.09 -14.69 9.69
N LEU B 33 1.65 -13.99 10.66
CA LEU B 33 1.13 -13.97 12.02
C LEU B 33 1.22 -12.55 12.56
N PRO B 34 0.24 -12.12 13.37
CA PRO B 34 0.31 -10.78 13.94
C PRO B 34 1.42 -10.69 14.96
N PRO B 35 2.07 -9.53 15.08
CA PRO B 35 3.19 -9.39 16.04
C PRO B 35 2.76 -9.22 17.49
N LYS B 36 1.47 -9.33 17.80
CA LYS B 36 1.01 -9.16 19.17
C LYS B 36 1.41 -10.33 20.07
N TRP B 37 1.79 -11.47 19.50
CA TRP B 37 1.94 -12.70 20.28
C TRP B 37 3.38 -12.96 20.71
N PHE B 38 4.31 -12.08 20.33
CA PHE B 38 5.68 -12.19 20.79
C PHE B 38 5.81 -12.02 22.30
N TYR B 39 4.79 -11.48 22.97
CA TYR B 39 4.98 -10.86 24.26
C TYR B 39 4.38 -11.64 25.42
N ASP B 40 4.78 -12.90 25.57
CA ASP B 40 4.59 -13.62 26.82
C ASP B 40 5.71 -13.22 27.78
N THR B 41 5.85 -13.96 28.88
CA THR B 41 6.86 -13.62 29.88
C THR B 41 8.27 -13.67 29.28
N VAL B 42 8.58 -14.75 28.57
CA VAL B 42 9.91 -14.89 27.97
C VAL B 42 10.13 -13.81 26.92
N GLY B 43 9.19 -13.66 25.99
CA GLY B 43 9.33 -12.67 24.94
C GLY B 43 9.45 -11.26 25.47
N SER B 44 8.69 -10.94 26.52
CA SER B 44 8.78 -9.61 27.13
C SER B 44 10.16 -9.36 27.72
N GLU B 45 10.74 -10.39 28.37
CA GLU B 45 12.10 -10.25 28.87
C GLU B 45 13.10 -10.13 27.72
N LEU B 46 12.83 -10.78 26.59
CA LEU B 46 13.70 -10.64 25.43
C LEU B 46 13.59 -9.24 24.83
N PHE B 47 12.37 -8.72 24.72
CA PHE B 47 12.20 -7.35 24.26
C PHE B 47 12.95 -6.37 25.16
N ASP B 48 12.91 -6.59 26.47
CA ASP B 48 13.66 -5.76 27.40
C ASP B 48 15.14 -5.74 27.04
N GLN B 49 15.71 -6.90 26.70
CA GLN B 49 17.10 -6.95 26.28
C GLN B 49 17.30 -6.26 24.94
N ILE B 50 16.33 -6.40 24.03
CA ILE B 50 16.44 -5.79 22.71
C ILE B 50 16.63 -4.28 22.82
N THR B 51 15.88 -3.65 23.72
CA THR B 51 15.92 -2.19 23.84
C THR B 51 17.30 -1.69 24.25
N ARG B 52 18.09 -2.52 24.93
CA ARG B 52 19.43 -2.11 25.34
C ARG B 52 20.51 -2.52 24.35
N LEU B 53 20.16 -3.18 23.26
CA LEU B 53 21.17 -3.55 22.28
C LEU B 53 21.70 -2.29 21.59
N PRO B 54 23.02 -2.19 21.38
CA PRO B 54 23.55 -1.02 20.65
C PRO B 54 23.00 -0.91 19.25
N GLU B 55 22.69 -2.03 18.60
CA GLU B 55 22.11 -1.98 17.26
C GLU B 55 20.71 -1.39 17.28
N TYR B 56 19.95 -1.61 18.35
CA TYR B 56 18.56 -1.17 18.43
C TYR B 56 18.50 0.24 19.00
N TYR B 57 18.65 1.22 18.11
CA TYR B 57 18.58 2.64 18.42
C TYR B 57 17.20 3.20 18.81
N PRO B 58 16.07 2.63 18.35
CA PRO B 58 14.79 3.36 18.54
C PRO B 58 14.47 3.73 19.98
N THR B 59 14.67 2.82 20.95
CA THR B 59 14.31 3.13 22.33
C THR B 59 15.09 4.33 22.86
N ARG B 60 16.41 4.31 22.72
CA ARG B 60 17.24 5.41 23.20
C ARG B 60 16.95 6.70 22.45
N ALA B 61 16.72 6.61 21.14
CA ALA B 61 16.47 7.81 20.34
C ALA B 61 15.22 8.53 20.81
N GLU B 62 14.11 7.78 20.95
CA GLU B 62 12.89 8.36 21.49
C GLU B 62 13.10 8.88 22.91
N ALA B 63 13.86 8.15 23.73
CA ALA B 63 14.14 8.61 25.09
C ALA B 63 14.89 9.93 25.10
N GLU B 64 15.84 10.11 24.17
CA GLU B 64 16.58 11.37 24.08
C GLU B 64 15.65 12.53 23.78
N ILE B 65 14.73 12.35 22.82
CA ILE B 65 13.78 13.40 22.49
C ILE B 65 12.90 13.72 23.69
N LEU B 66 12.40 12.69 24.37
CA LEU B 66 11.49 12.92 25.49
C LEU B 66 12.17 13.64 26.65
N ARG B 67 13.43 13.29 26.92
CA ARG B 67 14.16 13.98 27.98
C ARG B 67 14.30 15.47 27.70
N ALA B 68 14.35 15.84 26.42
CA ALA B 68 14.48 17.24 26.03
C ALA B 68 13.13 17.92 25.85
N ARG B 69 12.12 17.22 25.32
CA ARG B 69 10.90 17.85 24.86
C ARG B 69 9.67 17.56 25.72
N SER B 70 9.81 16.82 26.83
CA SER B 70 8.65 16.48 27.65
C SER B 70 8.04 17.72 28.28
N ALA B 71 8.88 18.65 28.73
CA ALA B 71 8.36 19.87 29.32
C ALA B 71 7.54 20.67 28.31
N GLU B 72 8.01 20.75 27.07
CA GLU B 72 7.28 21.49 26.05
C GLU B 72 5.99 20.77 25.68
N VAL B 73 6.02 19.44 25.64
CA VAL B 73 4.79 18.68 25.44
C VAL B 73 3.77 19.05 26.50
N ALA B 74 4.19 19.05 27.77
CA ALA B 74 3.26 19.40 28.85
C ALA B 74 2.70 20.79 28.66
N SER B 75 3.53 21.76 28.29
CA SER B 75 3.06 23.13 28.17
C SER B 75 2.27 23.38 26.89
N ALA B 76 2.58 22.66 25.82
CA ALA B 76 1.84 22.83 24.57
C ALA B 76 0.47 22.15 24.61
N CYS B 77 0.39 20.97 25.24
CA CYS B 77 -0.88 20.25 25.28
C CYS B 77 -1.75 20.67 26.46
N ARG B 78 -1.13 21.18 27.54
CA ARG B 78 -1.85 21.68 28.70
C ARG B 78 -2.75 20.61 29.33
N ALA B 79 -2.40 19.34 29.13
CA ALA B 79 -3.27 18.27 29.59
C ALA B 79 -3.24 18.12 31.11
N ASP B 80 -4.34 17.62 31.66
CA ASP B 80 -4.35 17.16 33.04
C ASP B 80 -4.44 15.65 33.12
N THR B 81 -4.59 14.98 31.99
CA THR B 81 -4.78 13.53 31.96
C THR B 81 -3.84 12.92 30.94
N LEU B 82 -3.09 11.90 31.35
CA LEU B 82 -2.18 11.17 30.47
C LEU B 82 -2.79 9.81 30.16
N VAL B 83 -3.20 9.62 28.90
CA VAL B 83 -3.71 8.34 28.42
C VAL B 83 -2.58 7.65 27.66
N GLU B 84 -2.12 6.52 28.16
CA GLU B 84 -1.07 5.75 27.51
C GLU B 84 -1.68 4.55 26.82
N LEU B 85 -1.48 4.45 25.50
CA LEU B 85 -1.81 3.24 24.77
C LEU B 85 -0.63 2.28 24.95
N GLY B 86 -0.59 1.66 26.12
CA GLY B 86 0.55 0.86 26.53
C GLY B 86 0.40 0.47 27.98
N SER B 87 1.43 -0.24 28.47
CA SER B 87 1.37 -0.84 29.80
C SER B 87 1.73 0.13 30.92
N GLY B 88 2.33 1.27 30.61
CA GLY B 88 2.71 2.22 31.65
C GLY B 88 3.91 1.81 32.49
N THR B 89 4.79 0.96 31.96
CA THR B 89 5.93 0.46 32.72
C THR B 89 7.24 1.15 32.38
N SER B 90 7.32 1.85 31.24
CA SER B 90 8.56 2.40 30.77
C SER B 90 8.97 3.64 31.57
N GLU B 91 10.27 3.97 31.46
CA GLU B 91 10.78 5.22 32.00
C GLU B 91 10.20 6.42 31.27
N LYS B 92 9.80 6.24 30.01
CA LYS B 92 9.16 7.31 29.26
C LYS B 92 7.83 7.70 29.86
N THR B 93 7.10 6.73 30.42
CA THR B 93 5.85 7.03 31.12
C THR B 93 6.10 8.05 32.23
N ARG B 94 7.14 7.83 33.03
CA ARG B 94 7.43 8.74 34.14
C ARG B 94 7.90 10.10 33.63
N MET B 95 8.65 10.13 32.53
CA MET B 95 9.08 11.39 31.95
C MET B 95 7.87 12.29 31.67
N LEU B 96 6.82 11.73 31.08
CA LEU B 96 5.63 12.52 30.79
C LEU B 96 4.83 12.81 32.06
N LEU B 97 4.74 11.84 32.97
CA LEU B 97 4.07 12.08 34.25
C LEU B 97 4.78 13.17 35.05
N ASP B 98 6.11 13.19 35.01
CA ASP B 98 6.86 14.22 35.73
C ASP B 98 6.59 15.60 35.16
N ALA B 99 6.53 15.73 33.83
CA ALA B 99 6.33 17.04 33.21
C ALA B 99 4.96 17.63 33.55
N LEU B 100 3.92 16.79 33.56
CA LEU B 100 2.59 17.29 33.93
C LEU B 100 2.50 17.61 35.42
N ARG B 101 3.13 16.78 36.26
CA ARG B 101 3.16 17.09 37.69
C ARG B 101 3.97 18.35 37.96
N HIS B 102 5.10 18.52 37.26
CA HIS B 102 5.89 19.73 37.42
C HIS B 102 5.11 20.97 37.02
N ARG B 103 4.22 20.85 36.02
CA ARG B 103 3.33 21.93 35.66
C ARG B 103 2.17 22.06 36.65
N GLY B 104 2.14 21.23 37.68
CA GLY B 104 1.01 21.21 38.60
C GLY B 104 -0.30 20.77 37.96
N SER B 105 -0.23 19.99 36.89
CA SER B 105 -1.42 19.63 36.15
C SER B 105 -1.66 18.13 36.03
N LEU B 106 -0.75 17.27 36.47
CA LEU B 106 -0.92 15.83 36.26
C LEU B 106 -2.05 15.35 37.15
N ARG B 107 -3.28 15.29 36.64
CA ARG B 107 -4.43 14.96 37.54
C ARG B 107 -4.90 13.51 37.41
N ARG B 108 -4.63 12.86 36.28
CA ARG B 108 -5.15 11.50 36.05
C ARG B 108 -4.23 10.72 35.13
N PHE B 109 -4.16 9.41 35.34
CA PHE B 109 -3.36 8.54 34.52
C PHE B 109 -4.24 7.39 34.05
N VAL B 110 -4.26 7.16 32.74
CA VAL B 110 -5.10 6.12 32.16
C VAL B 110 -4.23 5.20 31.33
N PRO B 111 -3.66 4.14 31.93
CA PRO B 111 -3.00 3.11 31.12
C PRO B 111 -4.05 2.22 30.46
N PHE B 112 -3.79 1.87 29.21
CA PHE B 112 -4.75 1.13 28.37
C PHE B 112 -3.98 0.00 27.70
N ASP B 113 -4.28 -1.24 28.08
CA ASP B 113 -3.58 -2.39 27.51
C ASP B 113 -4.46 -3.62 27.65
N VAL B 114 -3.94 -4.75 27.15
CA VAL B 114 -4.69 -5.99 27.10
C VAL B 114 -4.41 -6.91 28.28
N ASP B 115 -3.37 -6.62 29.08
CA ASP B 115 -2.98 -7.49 30.18
C ASP B 115 -3.43 -6.84 31.49
N ALA B 116 -4.53 -7.35 32.05
CA ALA B 116 -5.06 -6.79 33.29
C ALA B 116 -4.09 -6.92 34.44
N SER B 117 -3.28 -7.99 34.44
CA SER B 117 -2.33 -8.17 35.54
C SER B 117 -1.17 -7.19 35.43
N VAL B 118 -0.78 -6.80 34.22
CA VAL B 118 0.24 -5.76 34.06
C VAL B 118 -0.30 -4.41 34.48
N LEU B 119 -1.55 -4.10 34.10
CA LEU B 119 -2.13 -2.80 34.42
C LEU B 119 -2.27 -2.61 35.92
N SER B 120 -2.73 -3.64 36.63
CA SER B 120 -2.84 -3.56 38.08
C SER B 120 -1.50 -3.27 38.72
N ALA B 121 -0.42 -3.89 38.21
CA ALA B 121 0.90 -3.63 38.76
C ALA B 121 1.35 -2.22 38.42
N THR B 122 1.07 -1.76 37.21
CA THR B 122 1.36 -0.38 36.85
C THR B 122 0.61 0.59 37.74
N ALA B 123 -0.67 0.32 38.00
CA ALA B 123 -1.49 1.25 38.78
C ALA B 123 -1.02 1.32 40.23
N THR B 124 -0.72 0.17 40.83
CA THR B 124 -0.22 0.16 42.20
C THR B 124 1.10 0.91 42.32
N ALA B 125 1.95 0.81 41.29
CA ALA B 125 3.26 1.46 41.34
C ALA B 125 3.13 2.97 41.17
N ILE B 126 2.31 3.41 40.21
CA ILE B 126 2.12 4.84 40.02
C ILE B 126 1.44 5.46 41.23
N GLN B 127 0.56 4.71 41.89
CA GLN B 127 -0.11 5.21 43.10
C GLN B 127 0.89 5.44 44.22
N ARG B 128 1.95 4.63 44.29
CA ARG B 128 3.01 4.87 45.27
C ARG B 128 3.83 6.10 44.91
N GLU B 129 4.08 6.33 43.62
CA GLU B 129 5.05 7.33 43.18
C GLU B 129 4.45 8.71 42.99
N TYR B 130 3.13 8.82 42.83
CA TYR B 130 2.48 10.08 42.48
C TYR B 130 1.25 10.25 43.37
N SER B 131 1.44 10.92 44.51
CA SER B 131 0.31 11.28 45.35
C SER B 131 -0.61 12.24 44.62
N GLY B 132 -1.92 12.09 44.83
CA GLY B 132 -2.88 13.00 44.26
C GLY B 132 -3.28 12.71 42.84
N VAL B 133 -2.79 11.61 42.25
CA VAL B 133 -3.14 11.23 40.90
C VAL B 133 -4.09 10.05 40.96
N GLU B 134 -5.23 10.19 40.29
CA GLU B 134 -6.14 9.07 40.12
C GLU B 134 -5.69 8.24 38.93
N ILE B 135 -5.57 6.93 39.14
CA ILE B 135 -5.14 6.00 38.09
C ILE B 135 -6.35 5.19 37.67
N ASN B 136 -6.82 5.39 36.45
CA ASN B 136 -7.94 4.67 35.89
C ASN B 136 -7.39 3.76 34.80
N ALA B 137 -6.95 2.57 35.19
CA ALA B 137 -6.47 1.59 34.22
C ALA B 137 -7.64 0.96 33.49
N VAL B 138 -7.48 0.76 32.18
CA VAL B 138 -8.52 0.20 31.33
C VAL B 138 -7.94 -1.01 30.60
N CYS B 139 -8.51 -2.18 30.85
CA CYS B 139 -8.17 -3.39 30.11
C CYS B 139 -9.12 -3.53 28.92
N GLY B 140 -8.58 -3.35 27.72
CA GLY B 140 -9.36 -3.50 26.50
C GLY B 140 -8.42 -3.54 25.32
N ASP B 141 -9.01 -3.65 24.14
CA ASP B 141 -8.23 -3.63 22.89
C ASP B 141 -8.70 -2.47 22.01
N PHE B 142 -7.87 -2.17 21.00
CA PHE B 142 -8.12 -1.00 20.15
C PHE B 142 -9.40 -1.16 19.34
N GLU B 143 -9.72 -2.38 18.91
CA GLU B 143 -10.80 -2.58 17.95
C GLU B 143 -12.17 -2.21 18.53
N GLU B 144 -12.36 -2.37 19.84
CA GLU B 144 -13.69 -2.21 20.42
C GLU B 144 -13.77 -1.28 21.63
N HIS B 145 -12.66 -1.00 22.31
CA HIS B 145 -12.74 -0.44 23.67
C HIS B 145 -12.08 0.93 23.82
N LEU B 146 -11.75 1.61 22.72
CA LEU B 146 -11.26 2.98 22.85
C LEU B 146 -12.28 3.89 23.50
N THR B 147 -13.58 3.61 23.30
CA THR B 147 -14.64 4.39 23.93
C THR B 147 -14.68 4.20 25.43
N GLU B 148 -14.16 3.08 25.95
CA GLU B 148 -14.15 2.87 27.39
C GLU B 148 -13.12 3.71 28.10
N ILE B 149 -12.23 4.38 27.36
CA ILE B 149 -11.31 5.35 28.00
C ILE B 149 -12.12 6.50 28.59
N PRO B 150 -11.92 6.85 29.85
CA PRO B 150 -12.74 7.91 30.47
C PRO B 150 -12.56 9.24 29.75
N ARG B 151 -13.60 10.07 29.81
CA ARG B 151 -13.59 11.39 29.20
C ARG B 151 -13.48 12.45 30.29
N GLY B 152 -13.56 13.71 29.87
CA GLY B 152 -13.39 14.82 30.77
C GLY B 152 -11.94 15.19 31.00
N GLY B 153 -11.73 16.43 31.42
CA GLY B 153 -10.39 16.97 31.55
C GLY B 153 -9.77 17.15 30.17
N ARG B 154 -8.52 17.60 30.18
CA ARG B 154 -7.74 17.73 28.96
C ARG B 154 -6.78 16.55 28.88
N ARG B 155 -6.94 15.72 27.86
CA ARG B 155 -6.28 14.42 27.79
C ARG B 155 -5.20 14.41 26.71
N LEU B 156 -4.02 13.90 27.08
CA LEU B 156 -2.92 13.68 26.14
C LEU B 156 -2.82 12.17 25.90
N PHE B 157 -3.18 11.74 24.71
CA PHE B 157 -3.05 10.35 24.33
C PHE B 157 -1.64 10.08 23.82
N VAL B 158 -1.05 8.98 24.28
CA VAL B 158 0.36 8.68 24.06
C VAL B 158 0.50 7.31 23.42
N PHE B 159 1.30 7.23 22.36
CA PHE B 159 1.52 5.99 21.60
C PHE B 159 2.95 6.04 21.06
N LEU B 160 3.88 5.46 21.80
CA LEU B 160 5.31 5.66 21.59
C LEU B 160 5.95 4.45 20.91
N GLY B 161 7.27 4.55 20.70
CA GLY B 161 8.06 3.40 20.29
C GLY B 161 7.89 2.95 18.86
N SER B 162 7.21 3.74 18.03
CA SER B 162 6.91 3.35 16.64
C SER B 162 6.10 2.07 16.58
N THR B 163 5.15 1.92 17.50
CA THR B 163 4.30 0.72 17.52
C THR B 163 3.25 0.80 16.43
N ILE B 164 2.78 2.02 16.13
CA ILE B 164 1.98 2.28 14.93
C ILE B 164 2.67 1.75 13.69
N GLY B 165 4.00 1.70 13.70
CA GLY B 165 4.74 1.12 12.59
C GLY B 165 4.47 -0.35 12.38
N ASN B 166 3.97 -1.04 13.41
CA ASN B 166 3.61 -2.44 13.27
C ASN B 166 2.29 -2.63 12.54
N LEU B 167 1.62 -1.55 12.16
CA LEU B 167 0.39 -1.61 11.37
C LEU B 167 0.68 -1.26 9.93
N THR B 168 0.19 -2.08 9.01
CA THR B 168 0.26 -1.76 7.60
C THR B 168 -0.65 -0.55 7.32
N PRO B 169 -0.45 0.14 6.19
CA PRO B 169 -1.19 1.39 5.96
C PRO B 169 -2.70 1.29 6.15
N GLY B 170 -3.33 0.21 5.70
CA GLY B 170 -4.76 0.04 5.85
C GLY B 170 -5.22 0.03 7.30
N PRO B 171 -4.80 -0.97 8.06
CA PRO B 171 -5.12 -0.98 9.50
C PRO B 171 -4.61 0.24 10.23
N ARG B 172 -3.49 0.83 9.78
CA ARG B 172 -2.94 2.00 10.46
C ARG B 172 -3.89 3.19 10.34
N ALA B 173 -4.49 3.39 9.16
CA ALA B 173 -5.42 4.49 8.99
C ALA B 173 -6.70 4.26 9.80
N GLN B 174 -7.17 3.01 9.85
CA GLN B 174 -8.35 2.69 10.65
C GLN B 174 -8.13 3.00 12.12
N PHE B 175 -6.97 2.59 12.65
CA PHE B 175 -6.68 2.83 14.06
C PHE B 175 -6.63 4.33 14.35
N LEU B 176 -5.94 5.10 13.49
CA LEU B 176 -5.82 6.53 13.72
C LEU B 176 -7.17 7.22 13.60
N THR B 177 -8.01 6.80 12.65
CA THR B 177 -9.35 7.35 12.56
C THR B 177 -10.17 7.04 13.80
N ALA B 178 -10.06 5.81 14.30
CA ALA B 178 -10.81 5.43 15.50
C ALA B 178 -10.31 6.17 16.73
N LEU B 179 -9.00 6.35 16.84
CA LEU B 179 -8.47 7.08 17.99
C LEU B 179 -8.89 8.55 17.95
N ALA B 180 -8.82 9.18 16.78
CA ALA B 180 -9.30 10.55 16.66
C ALA B 180 -10.80 10.64 16.95
N GLY B 181 -11.54 9.57 16.67
CA GLY B 181 -12.97 9.59 16.92
C GLY B 181 -13.35 9.67 18.38
N VAL B 182 -12.54 9.06 19.27
CA VAL B 182 -12.80 9.16 20.70
C VAL B 182 -12.13 10.37 21.33
N MET B 183 -11.36 11.13 20.55
CA MET B 183 -10.69 12.32 21.06
C MET B 183 -11.63 13.52 21.02
N ARG B 184 -11.53 14.34 22.03
CA ARG B 184 -12.30 15.57 22.18
C ARG B 184 -11.46 16.77 21.74
N PRO B 185 -12.08 17.79 21.15
CA PRO B 185 -11.33 19.01 20.81
C PRO B 185 -10.56 19.53 22.02
N GLY B 186 -9.27 19.83 21.79
CA GLY B 186 -8.36 20.20 22.84
C GLY B 186 -7.46 19.06 23.29
N ASP B 187 -7.90 17.82 23.14
CA ASP B 187 -7.05 16.67 23.40
C ASP B 187 -5.90 16.62 22.40
N SER B 188 -4.83 15.95 22.79
CA SER B 188 -3.63 15.84 21.97
C SER B 188 -3.19 14.39 21.88
N LEU B 189 -2.35 14.13 20.88
CA LEU B 189 -1.77 12.81 20.66
C LEU B 189 -0.26 12.95 20.51
N LEU B 190 0.50 12.19 21.28
CA LEU B 190 1.93 12.08 21.13
C LEU B 190 2.24 10.75 20.44
N LEU B 191 2.85 10.80 19.28
CA LEU B 191 3.05 9.61 18.45
C LEU B 191 4.52 9.49 18.08
N GLY B 192 5.09 8.31 18.33
CA GLY B 192 6.46 8.01 17.95
C GLY B 192 6.49 7.20 16.67
N THR B 193 7.44 7.55 15.78
CA THR B 193 7.55 6.91 14.48
C THR B 193 9.03 6.81 14.13
N ASP B 194 9.49 5.59 13.87
CA ASP B 194 10.86 5.41 13.38
C ASP B 194 10.95 5.88 11.93
N LEU B 195 12.07 6.51 11.60
CA LEU B 195 12.24 7.21 10.33
C LEU B 195 13.01 6.37 9.33
N VAL B 196 12.69 6.56 8.05
CA VAL B 196 13.46 5.94 6.98
C VAL B 196 14.91 6.40 7.06
N LYS B 197 15.83 5.46 6.85
CA LYS B 197 17.27 5.74 6.98
C LYS B 197 18.03 4.66 6.22
N ASP B 198 19.34 4.60 6.44
CA ASP B 198 20.20 3.63 5.77
C ASP B 198 19.68 2.21 5.99
N ALA B 199 19.42 1.50 4.88
CA ALA B 199 18.80 0.19 4.96
C ALA B 199 19.65 -0.79 5.77
N ALA B 200 20.98 -0.77 5.56
CA ALA B 200 21.86 -1.67 6.29
C ALA B 200 21.79 -1.41 7.80
N ARG B 201 21.67 -0.14 8.19
CA ARG B 201 21.47 0.18 9.60
C ARG B 201 20.16 -0.40 10.11
N LEU B 202 19.10 -0.33 9.29
CA LEU B 202 17.81 -0.83 9.70
C LEU B 202 17.83 -2.35 9.88
N VAL B 203 18.43 -3.06 8.92
CA VAL B 203 18.47 -4.52 9.01
C VAL B 203 19.24 -4.96 10.24
N ARG B 204 20.35 -4.27 10.55
CA ARG B 204 21.14 -4.62 11.73
C ARG B 204 20.33 -4.39 13.02
N ALA B 205 19.49 -3.36 13.05
CA ALA B 205 18.68 -3.10 14.23
C ALA B 205 17.68 -4.20 14.51
N TYR B 206 17.32 -5.00 13.51
CA TYR B 206 16.37 -6.08 13.68
C TYR B 206 17.02 -7.45 13.50
N ASP B 207 18.35 -7.50 13.54
CA ASP B 207 19.08 -8.76 13.59
C ASP B 207 20.44 -8.53 14.24
N ASP B 208 20.45 -8.35 15.55
CA ASP B 208 21.70 -8.17 16.28
C ASP B 208 22.56 -9.44 16.20
N PRO B 209 23.88 -9.28 16.14
CA PRO B 209 24.75 -10.47 15.95
C PRO B 209 24.60 -11.51 17.05
N GLY B 210 24.31 -11.09 18.28
CA GLY B 210 24.13 -12.05 19.36
C GLY B 210 22.89 -12.91 19.23
N GLY B 211 21.94 -12.51 18.40
CA GLY B 211 20.74 -13.31 18.19
C GLY B 211 19.61 -13.10 19.18
N VAL B 212 19.60 -11.97 19.90
CA VAL B 212 18.50 -11.68 20.81
C VAL B 212 17.20 -11.50 20.04
N THR B 213 17.24 -10.73 18.96
CA THR B 213 16.06 -10.59 18.12
C THR B 213 15.67 -11.90 17.46
N ALA B 214 16.65 -12.73 17.13
CA ALA B 214 16.35 -14.04 16.56
C ALA B 214 15.55 -14.88 17.53
N GLN B 215 15.99 -14.94 18.79
CA GLN B 215 15.23 -15.65 19.81
C GLN B 215 13.85 -15.03 19.99
N PHE B 216 13.77 -13.70 19.95
CA PHE B 216 12.49 -13.02 20.06
C PHE B 216 11.53 -13.44 18.95
N ASN B 217 12.03 -13.55 17.72
CA ASN B 217 11.18 -13.95 16.61
C ASN B 217 10.83 -15.44 16.71
N ARG B 218 11.83 -16.29 16.96
CA ARG B 218 11.57 -17.72 17.09
C ARG B 218 10.65 -18.05 18.25
N ASN B 219 10.55 -17.18 19.25
CA ASN B 219 9.71 -17.45 20.41
C ASN B 219 8.24 -17.60 20.05
N VAL B 220 7.80 -16.98 18.95
CA VAL B 220 6.40 -17.08 18.58
C VAL B 220 6.02 -18.53 18.31
N LEU B 221 6.98 -19.34 17.82
CA LEU B 221 6.69 -20.75 17.62
C LEU B 221 6.60 -21.49 18.94
N ALA B 222 7.39 -21.08 19.94
CA ALA B 222 7.27 -21.68 21.27
C ALA B 222 5.92 -21.38 21.89
N VAL B 223 5.46 -20.13 21.77
CA VAL B 223 4.16 -19.75 22.32
C VAL B 223 3.05 -20.55 21.65
N ILE B 224 3.10 -20.67 20.32
CA ILE B 224 2.10 -21.45 19.61
C ILE B 224 2.15 -22.91 20.02
N ASN B 225 3.36 -23.46 20.14
CA ASN B 225 3.52 -24.84 20.60
C ASN B 225 2.82 -25.04 21.94
N ARG B 226 3.13 -24.19 22.91
CA ARG B 226 2.62 -24.39 24.28
C ARG B 226 1.12 -24.10 24.36
N GLU B 227 0.65 -23.05 23.70
CA GLU B 227 -0.72 -22.60 23.86
C GLU B 227 -1.71 -23.31 22.95
N LEU B 228 -1.27 -23.83 21.81
CA LEU B 228 -2.18 -24.50 20.87
C LEU B 228 -1.71 -25.90 20.52
N GLU B 229 -0.81 -26.48 21.33
CA GLU B 229 -0.36 -27.86 21.17
C GLU B 229 0.18 -28.14 19.77
N ALA B 230 1.03 -27.23 19.30
CA ALA B 230 1.68 -27.41 18.02
C ALA B 230 3.03 -28.11 18.21
N ASP B 231 3.57 -28.63 17.12
CA ASP B 231 4.86 -29.33 17.13
C ASP B 231 5.86 -28.66 16.20
N PHE B 232 5.88 -27.33 16.22
CA PHE B 232 6.91 -26.57 15.50
C PHE B 232 8.28 -27.00 15.97
N ASP B 233 9.12 -27.45 15.05
CA ASP B 233 10.54 -27.65 15.34
C ASP B 233 11.21 -26.27 15.32
N VAL B 234 11.26 -25.65 16.51
CA VAL B 234 11.67 -24.25 16.61
C VAL B 234 13.08 -24.05 16.08
N ASP B 235 13.99 -24.99 16.35
CA ASP B 235 15.38 -24.81 15.95
C ASP B 235 15.57 -24.89 14.43
N ALA B 236 14.60 -25.46 13.71
CA ALA B 236 14.69 -25.56 12.26
C ALA B 236 14.15 -24.33 11.55
N PHE B 237 13.93 -23.23 12.26
CA PHE B 237 13.48 -21.98 11.69
C PHE B 237 14.51 -20.89 11.98
N GLN B 238 14.96 -20.21 10.94
CA GLN B 238 15.98 -19.17 11.07
C GLN B 238 15.33 -17.80 11.00
N HIS B 239 15.71 -16.91 11.91
CA HIS B 239 15.22 -15.55 11.88
C HIS B 239 15.88 -14.80 10.74
N VAL B 240 15.07 -14.10 9.94
CA VAL B 240 15.56 -13.33 8.80
C VAL B 240 14.91 -11.96 8.84
N ALA B 241 15.73 -10.91 8.84
CA ALA B 241 15.26 -9.54 8.78
C ALA B 241 15.47 -9.03 7.36
N ARG B 242 14.38 -8.59 6.72
CA ARG B 242 14.42 -8.14 5.34
C ARG B 242 13.95 -6.69 5.25
N TRP B 243 14.61 -5.91 4.40
CA TRP B 243 14.23 -4.52 4.15
C TRP B 243 13.41 -4.47 2.86
N ASN B 244 12.14 -4.08 2.98
CA ASN B 244 11.26 -3.88 1.83
C ASN B 244 11.38 -2.42 1.39
N SER B 245 12.10 -2.19 0.29
CA SER B 245 12.34 -0.83 -0.16
C SER B 245 11.08 -0.16 -0.70
N ALA B 246 10.20 -0.94 -1.35
CA ALA B 246 9.02 -0.36 -1.99
C ALA B 246 8.02 0.14 -0.96
N GLU B 247 7.79 -0.63 0.10
CA GLU B 247 6.88 -0.21 1.16
C GLU B 247 7.60 0.55 2.27
N GLU B 248 8.93 0.67 2.18
CA GLU B 248 9.75 1.32 3.20
C GLU B 248 9.40 0.80 4.59
N ARG B 249 9.66 -0.48 4.79
CA ARG B 249 9.37 -1.14 6.05
C ARG B 249 10.28 -2.35 6.18
N ILE B 250 10.69 -2.61 7.40
CA ILE B 250 11.39 -3.86 7.70
C ILE B 250 10.38 -4.96 7.97
N GLU B 251 10.74 -6.18 7.58
CA GLU B 251 9.88 -7.35 7.76
C GLU B 251 10.68 -8.45 8.46
N MET B 252 10.10 -9.00 9.52
CA MET B 252 10.70 -10.11 10.25
C MET B 252 10.09 -11.41 9.73
N TRP B 253 10.93 -12.28 9.20
CA TRP B 253 10.50 -13.58 8.69
C TRP B 253 11.15 -14.69 9.48
N LEU B 254 10.54 -15.86 9.41
CA LEU B 254 11.13 -17.11 9.90
C LEU B 254 11.23 -18.04 8.71
N ARG B 255 12.44 -18.52 8.42
CA ARG B 255 12.69 -19.35 7.25
C ARG B 255 12.87 -20.80 7.66
N ALA B 256 12.13 -21.69 7.01
CA ALA B 256 12.20 -23.11 7.32
C ALA B 256 13.44 -23.73 6.69
N ASP B 257 14.24 -24.40 7.50
CA ASP B 257 15.39 -25.15 7.03
C ASP B 257 14.93 -26.56 6.72
N GLY B 258 14.62 -26.82 5.46
CA GLY B 258 14.06 -28.10 5.05
C GLY B 258 12.55 -28.13 5.21
N ARG B 259 11.92 -28.98 4.40
CA ARG B 259 10.47 -29.17 4.47
C ARG B 259 10.01 -29.42 5.90
N GLN B 260 8.88 -28.80 6.26
CA GLN B 260 8.30 -28.98 7.60
C GLN B 260 6.82 -29.29 7.48
N ARG B 261 6.36 -30.25 8.27
CA ARG B 261 4.94 -30.54 8.45
C ARG B 261 4.61 -30.27 9.92
N VAL B 262 3.81 -29.25 10.17
CA VAL B 262 3.51 -28.79 11.53
C VAL B 262 2.04 -29.03 11.82
N ARG B 263 1.78 -29.73 12.93
CA ARG B 263 0.42 -30.04 13.37
C ARG B 263 0.08 -29.15 14.56
N VAL B 264 -1.00 -28.38 14.44
CA VAL B 264 -1.52 -27.56 15.53
C VAL B 264 -2.72 -28.30 16.11
N GLY B 265 -2.51 -28.99 17.23
CA GLY B 265 -3.52 -29.78 17.88
C GLY B 265 -4.83 -29.05 18.13
N ALA B 266 -4.79 -28.04 18.99
CA ALA B 266 -6.00 -27.33 19.41
C ALA B 266 -6.81 -26.76 18.25
N LEU B 267 -6.30 -26.84 17.02
CA LEU B 267 -7.00 -26.31 15.86
C LEU B 267 -7.37 -27.36 14.83
N ASP B 268 -6.93 -28.61 15.01
CA ASP B 268 -7.12 -29.67 14.00
C ASP B 268 -6.61 -29.21 12.64
N LEU B 269 -5.39 -28.66 12.63
CA LEU B 269 -4.83 -28.05 11.43
C LEU B 269 -3.41 -28.55 11.20
N THR B 270 -3.15 -29.01 9.98
CA THR B 270 -1.83 -29.40 9.53
C THR B 270 -1.42 -28.46 8.40
N VAL B 271 -0.22 -27.88 8.52
CA VAL B 271 0.31 -27.00 7.49
C VAL B 271 1.68 -27.53 7.06
N ASP B 272 2.07 -27.18 5.85
CA ASP B 272 3.31 -27.65 5.25
C ASP B 272 4.19 -26.46 4.87
N PHE B 273 5.49 -26.59 5.15
CA PHE B 273 6.48 -25.60 4.77
C PHE B 273 7.40 -26.20 3.72
N ASP B 274 7.48 -25.56 2.56
CA ASP B 274 8.52 -25.92 1.61
C ASP B 274 9.88 -25.61 2.21
N ALA B 275 10.90 -26.34 1.75
CA ALA B 275 12.26 -26.05 2.18
C ALA B 275 12.64 -24.64 1.80
N GLY B 276 13.05 -23.84 2.78
CA GLY B 276 13.33 -22.44 2.55
C GLY B 276 12.13 -21.53 2.53
N GLU B 277 10.94 -22.02 2.87
CA GLU B 277 9.76 -21.17 2.92
C GLU B 277 9.88 -20.19 4.09
N GLU B 278 9.50 -18.95 3.85
CA GLU B 278 9.55 -17.89 4.84
C GLU B 278 8.12 -17.52 5.25
N MET B 279 7.94 -17.28 6.55
CA MET B 279 6.67 -16.87 7.11
C MET B 279 6.81 -15.50 7.76
N LEU B 280 5.86 -14.62 7.51
CA LEU B 280 5.93 -13.24 7.97
C LEU B 280 5.37 -13.13 9.39
N THR B 281 6.22 -12.71 10.33
CA THR B 281 5.79 -12.56 11.71
C THR B 281 5.63 -11.10 12.14
N GLU B 282 6.21 -10.16 11.40
CA GLU B 282 6.12 -8.76 11.80
C GLU B 282 6.53 -7.87 10.64
N VAL B 283 5.88 -6.71 10.56
CA VAL B 283 6.35 -5.59 9.76
C VAL B 283 6.63 -4.43 10.70
N SER B 284 7.64 -3.64 10.35
CA SER B 284 8.05 -2.48 11.14
C SER B 284 8.20 -1.31 10.16
N CYS B 285 7.09 -0.61 9.94
CA CYS B 285 7.08 0.48 8.96
C CYS B 285 7.95 1.63 9.43
N LYS B 286 8.75 2.15 8.51
CA LYS B 286 9.58 3.33 8.75
C LYS B 286 8.99 4.51 7.99
N PHE B 287 9.10 5.70 8.58
CA PHE B 287 8.29 6.83 8.15
C PHE B 287 9.16 7.97 7.64
N ARG B 288 8.52 8.86 6.87
CA ARG B 288 9.05 10.13 6.44
C ARG B 288 8.31 11.25 7.15
N PRO B 289 9.02 12.29 7.58
CA PRO B 289 8.37 13.34 8.40
C PRO B 289 7.10 13.93 7.78
N GLN B 290 7.15 14.29 6.50
CA GLN B 290 5.98 14.84 5.82
C GLN B 290 4.83 13.85 5.83
N ALA B 291 5.12 12.58 5.60
CA ALA B 291 4.07 11.57 5.47
C ALA B 291 3.36 11.32 6.80
N VAL B 292 4.06 11.48 7.92
CA VAL B 292 3.39 11.32 9.22
C VAL B 292 2.36 12.42 9.43
N GLY B 293 2.71 13.67 9.10
CA GLY B 293 1.76 14.75 9.26
C GLY B 293 0.53 14.58 8.39
N ALA B 294 0.72 14.04 7.18
CA ALA B 294 -0.42 13.80 6.29
C ALA B 294 -1.31 12.67 6.80
N GLU B 295 -0.73 11.66 7.46
CA GLU B 295 -1.53 10.57 8.00
C GLU B 295 -2.35 11.04 9.20
N LEU B 296 -1.75 11.88 10.06
CA LEU B 296 -2.51 12.45 11.16
C LEU B 296 -3.63 13.34 10.64
N ALA B 297 -3.37 14.10 9.58
CA ALA B 297 -4.40 14.94 8.99
C ALA B 297 -5.52 14.10 8.37
N ALA B 298 -5.17 12.98 7.75
CA ALA B 298 -6.18 12.12 7.14
C ALA B 298 -7.14 11.55 8.18
N ALA B 299 -6.66 11.34 9.40
CA ALA B 299 -7.50 10.80 10.46
C ALA B 299 -8.26 11.88 11.22
N GLY B 300 -7.98 13.16 10.96
CA GLY B 300 -8.68 14.25 11.60
C GLY B 300 -7.91 15.00 12.66
N LEU B 301 -6.61 14.75 12.80
CA LEU B 301 -5.78 15.46 13.75
C LEU B 301 -4.84 16.41 13.03
N HIS B 302 -4.39 17.43 13.75
CA HIS B 302 -3.53 18.47 13.20
C HIS B 302 -2.22 18.49 13.98
N ARG B 303 -1.13 18.07 13.34
CA ARG B 303 0.16 18.06 14.00
C ARG B 303 0.63 19.49 14.28
N ILE B 304 0.99 19.75 15.54
CA ILE B 304 1.46 21.07 15.95
C ILE B 304 2.93 21.07 16.32
N ARG B 305 3.54 19.90 16.50
CA ARG B 305 4.94 19.79 16.87
C ARG B 305 5.53 18.55 16.20
N TRP B 306 6.74 18.68 15.70
CA TRP B 306 7.51 17.56 15.20
C TRP B 306 8.92 17.66 15.77
N TRP B 307 9.44 16.55 16.25
CA TRP B 307 10.77 16.52 16.85
C TRP B 307 11.50 15.27 16.39
N THR B 308 12.77 15.44 16.01
CA THR B 308 13.68 14.32 15.84
C THR B 308 14.77 14.38 16.90
N ASP B 309 15.49 13.27 17.01
CA ASP B 309 16.69 13.22 17.84
C ASP B 309 17.83 13.97 17.15
N GLU B 310 18.99 13.98 17.80
CA GLU B 310 20.14 14.70 17.25
C GLU B 310 20.56 14.15 15.90
N ALA B 311 20.41 12.85 15.69
CA ALA B 311 20.85 12.23 14.44
C ALA B 311 19.75 12.16 13.38
N GLY B 312 18.52 12.53 13.71
CA GLY B 312 17.43 12.36 12.77
C GLY B 312 17.03 10.92 12.55
N ASP B 313 17.20 10.07 13.56
CA ASP B 313 16.85 8.65 13.45
C ASP B 313 15.38 8.39 13.74
N PHE B 314 14.77 9.18 14.63
CA PHE B 314 13.46 8.88 15.19
C PHE B 314 12.67 10.17 15.31
N GLY B 315 11.36 10.08 15.13
CA GLY B 315 10.51 11.26 15.13
C GLY B 315 9.36 11.14 16.11
N LEU B 316 9.03 12.26 16.74
CA LEU B 316 7.88 12.38 17.64
C LEU B 316 6.96 13.48 17.14
N SER B 317 5.67 13.19 17.10
CA SER B 317 4.66 14.14 16.65
C SER B 317 3.69 14.47 17.78
N LEU B 318 3.35 15.75 17.90
CA LEU B 318 2.28 16.20 18.77
C LEU B 318 1.16 16.72 17.88
N ALA B 319 0.04 16.00 17.86
CA ALA B 319 -1.11 16.38 17.05
C ALA B 319 -2.29 16.66 17.97
N ALA B 320 -3.11 17.62 17.57
CA ALA B 320 -4.27 18.02 18.36
C ALA B 320 -5.54 17.67 17.61
N LYS B 321 -6.57 17.31 18.36
CA LYS B 321 -7.91 17.16 17.81
C LYS B 321 -8.55 18.54 17.77
C7A XDK C . 0.26 -7.77 -20.61
C3A XDK C . -0.36 -8.84 -21.25
N2A XDK C . -1.70 -8.97 -21.32
C1A XDK C . -2.44 -8.00 -20.74
C5A XDK C . -1.89 -6.89 -20.09
C4 XDK C . -2.76 -5.88 -19.48
N3 XDK C . -2.67 -4.65 -20.07
C5 XDK C . -3.60 -6.15 -18.39
C6 XDK C . -4.38 -5.10 -17.90
N1 XDK C . -4.34 -3.86 -18.44
C2 XDK C . -3.47 -3.69 -19.51
N7 XDK C . -3.40 -2.41 -20.07
C9 XDK C . -0.52 -6.78 -20.03
C1 GOL D . -9.92 1.47 -24.43
O1 GOL D . -10.93 1.33 -25.39
C2 GOL D . -9.15 2.76 -24.73
O2 GOL D . -7.91 2.40 -25.27
C3 GOL D . -8.90 3.63 -23.50
O3 GOL D . -10.12 4.18 -23.08
C1 GOL E . -28.51 16.79 -23.01
O1 GOL E . -29.76 17.35 -23.29
C2 GOL E . -28.54 15.33 -23.45
O2 GOL E . -29.65 14.71 -22.85
C3 GOL E . -27.28 14.57 -23.05
O3 GOL E . -27.39 13.24 -23.49
C1 GOL F . 0.36 4.06 -18.34
O1 GOL F . -0.12 4.80 -17.25
C2 GOL F . 0.49 2.59 -17.91
O2 GOL F . 1.33 2.53 -16.79
C3 GOL F . 1.09 1.71 -19.01
O3 GOL F . 0.08 1.41 -19.92
C1 EDO G . -29.22 -0.54 -14.24
O1 EDO G . -28.04 -1.13 -14.74
C2 EDO G . -28.78 0.44 -13.14
O2 EDO G . -29.53 1.63 -13.29
C1 EDO H . -29.79 6.60 -16.54
O1 EDO H . -30.24 5.72 -15.53
C2 EDO H . -30.07 8.04 -16.10
O2 EDO H . -30.73 8.71 -17.13
C1 EDO I . -23.78 -7.44 -19.66
O1 EDO I . -24.86 -8.32 -19.68
C2 EDO I . -23.34 -7.22 -18.21
O2 EDO I . -23.92 -6.02 -17.76
C1 EDO J . 1.33 7.99 -19.33
O1 EDO J . 1.31 9.35 -19.67
C2 EDO J . 2.13 7.83 -18.05
O2 EDO J . 3.47 8.17 -18.30
C1 EDO K . 10.66 4.84 -27.18
O1 EDO K . 10.14 3.86 -28.03
C2 EDO K . 11.30 5.95 -28.03
O2 EDO K . 12.62 5.58 -28.35
C1 GOL L . 6.93 10.92 -22.39
O1 GOL L . 6.83 11.51 -21.12
C2 GOL L . 6.22 9.56 -22.35
O2 GOL L . 6.60 8.92 -21.16
C3 GOL L . 6.60 8.66 -23.52
O3 GOL L . 6.21 7.35 -23.21
C1 EDO M . -7.29 24.22 -31.19
O1 EDO M . -8.29 23.60 -31.96
C2 EDO M . -7.26 23.55 -29.82
O2 EDO M . -5.94 23.64 -29.34
C7A XDK N . 10.60 -6.77 17.24
C3A XDK N . 11.97 -6.68 17.51
N2A XDK N . 12.60 -5.51 17.70
C1A XDK N . 11.84 -4.39 17.62
C5A XDK N . 10.47 -4.42 17.35
C4 XDK N . 9.72 -3.15 17.27
N3 XDK N . 8.73 -3.06 18.22
C5 XDK N . 9.97 -2.16 16.32
C6 XDK N . 9.16 -1.02 16.37
N1 XDK N . 8.17 -0.84 17.28
C2 XDK N . 7.99 -1.90 18.18
N7 XDK N . 6.98 -1.76 19.14
C9 XDK N . 9.84 -5.62 17.17
C1 GOL O . 5.34 -0.31 26.66
O1 GOL O . 3.95 -0.45 26.84
C2 GOL O . 5.88 0.97 27.32
O2 GOL O . 5.14 1.28 28.47
C3 GOL O . 5.87 2.18 26.37
O3 GOL O . 4.53 2.47 26.04
C1 EDO P . 5.96 26.23 23.02
O1 EDO P . 5.66 25.10 22.25
C2 EDO P . 5.59 25.93 24.47
O2 EDO P . 4.19 25.86 24.57
C1 GOL Q . 1.13 -5.44 2.76
O1 GOL Q . 0.90 -6.79 3.09
C2 GOL Q . -0.21 -4.74 2.59
O2 GOL Q . -0.94 -5.43 1.61
C3 GOL Q . -0.07 -3.27 2.14
O3 GOL Q . 1.11 -3.12 1.40
C1 EDO R . -0.68 -15.84 25.59
O1 EDO R . 0.44 -15.89 24.76
C2 EDO R . -1.88 -15.41 24.74
O2 EDO R . -2.96 -16.22 25.12
#